data_3B4N
#
_entry.id   3B4N
#
_cell.length_a   61.600
_cell.length_b   70.700
_cell.length_c   73.400
_cell.angle_alpha   90.00
_cell.angle_beta   112.80
_cell.angle_gamma   90.00
#
_symmetry.space_group_name_H-M   'P 1 21 1'
#
loop_
_entity.id
_entity.type
_entity.pdbx_description
1 polymer 'Endo-pectate lyase'
2 non-polymer 'CALCIUM ION'
3 non-polymer 'ZINC ION'
4 non-polymer 1,2-ETHANEDIOL
5 non-polymer 'SULFATE ION'
6 water water
#
_entity_poly.entity_id   1
_entity_poly.type   'polypeptide(L)'
_entity_poly.pdbx_seq_one_letter_code
;MFKYVIPLCALTLAAPSFAAQTTLMLSQKSDVNYLGWSTDESKVARQEVYRGTTSNPDLRERIAVLDAETRTFKDADTNS
GLNYWYWVDVVSENQAQVVSNAVTTAPNAGPLRAAKASSECKPGATFENRTVDCGGVTIGTSCPNDSDKQKPLIILKNAT
VKNLRISASGGADGIHCDSGNCTIENVIWEDICEDAATNNGKTMTIVGGIAHNAKDGYGGKPDKVLQHNSKNSTTVVKGN
FTLTGEHGKLWRSCGDCSNNGGPRFLTVTSATVNGTIDSIAGVNRNYGDVATISGLKIKNYKEGKPPVCEEFKGVVKGQG
STEKYGEKWDTTNCKVSRSGVSKL
;
_entity_poly.pdbx_strand_id   A,B
#
loop_
_chem_comp.id
_chem_comp.type
_chem_comp.name
_chem_comp.formula
CA non-polymer 'CALCIUM ION' 'Ca 2'
EDO non-polymer 1,2-ETHANEDIOL 'C2 H6 O2'
SO4 non-polymer 'SULFATE ION' 'O4 S -2'
ZN non-polymer 'ZINC ION' 'Zn 2'
#
# COMPACT_ATOMS: atom_id res chain seq x y z
N ALA A 20 10.00 28.84 -32.95
CA ALA A 20 9.32 27.89 -32.02
C ALA A 20 9.92 26.50 -32.15
N GLN A 21 9.67 25.66 -31.15
CA GLN A 21 10.20 24.31 -31.16
C GLN A 21 9.18 23.32 -30.62
N THR A 22 9.37 22.05 -30.98
CA THR A 22 8.51 20.98 -30.52
C THR A 22 9.40 19.80 -30.16
N THR A 23 9.21 19.24 -28.97
CA THR A 23 9.98 18.07 -28.54
C THR A 23 8.99 16.94 -28.35
N LEU A 24 9.29 15.81 -28.98
CA LEU A 24 8.45 14.62 -28.95
C LEU A 24 9.08 13.47 -28.17
N MET A 25 8.23 12.74 -27.46
CA MET A 25 8.66 11.56 -26.72
C MET A 25 7.67 10.43 -27.01
N LEU A 26 8.14 9.21 -26.90
CA LEU A 26 7.32 8.03 -27.17
C LEU A 26 7.30 7.04 -26.02
N SER A 27 6.16 6.41 -25.80
CA SER A 27 6.04 5.36 -24.80
C SER A 27 5.14 4.25 -25.33
N GLN A 28 5.65 3.02 -25.33
CA GLN A 28 4.86 1.89 -25.83
C GLN A 28 4.12 1.17 -24.70
N LYS A 29 2.81 1.02 -24.85
CA LYS A 29 1.99 0.35 -23.83
C LYS A 29 0.82 -0.45 -24.45
N SER A 30 0.83 -1.76 -24.21
CA SER A 30 -0.24 -2.64 -24.71
C SER A 30 -0.53 -2.51 -26.21
N ASP A 31 0.51 -2.67 -27.02
CA ASP A 31 0.43 -2.58 -28.48
C ASP A 31 -0.05 -1.24 -29.00
N VAL A 32 0.10 -0.22 -28.17
CA VAL A 32 -0.29 1.12 -28.52
C VAL A 32 0.95 1.98 -28.31
N ASN A 33 1.24 2.84 -29.29
CA ASN A 33 2.37 3.74 -29.14
C ASN A 33 1.82 5.08 -28.72
N TYR A 34 2.22 5.55 -27.56
CA TYR A 34 1.75 6.83 -27.06
C TYR A 34 2.80 7.90 -27.34
N LEU A 35 2.33 9.03 -27.86
CA LEU A 35 3.20 10.15 -28.15
C LEU A 35 2.86 11.28 -27.20
N GLY A 36 3.89 11.96 -26.73
CA GLY A 36 3.69 13.11 -25.86
C GLY A 36 4.68 14.17 -26.34
N TRP A 37 4.22 15.39 -26.51
CA TRP A 37 5.12 16.44 -26.95
C TRP A 37 4.86 17.73 -26.23
N SER A 38 5.84 18.62 -26.29
CA SER A 38 5.68 19.95 -25.73
C SER A 38 6.06 20.89 -26.87
N THR A 39 5.42 22.05 -26.91
CA THR A 39 5.74 23.02 -27.95
C THR A 39 5.62 24.39 -27.34
N ASP A 40 6.44 25.33 -27.82
CA ASP A 40 6.35 26.69 -27.34
C ASP A 40 5.71 27.60 -28.39
N GLU A 41 5.11 26.99 -29.41
CA GLU A 41 4.42 27.77 -30.44
C GLU A 41 3.21 28.38 -29.73
N SER A 42 3.04 29.69 -29.82
CA SER A 42 1.96 30.37 -29.13
C SER A 42 0.61 30.45 -29.85
N LYS A 43 0.62 30.33 -31.17
CA LYS A 43 -0.62 30.42 -31.93
C LYS A 43 -0.86 29.13 -32.73
N VAL A 44 -1.03 28.03 -32.00
CA VAL A 44 -1.25 26.75 -32.67
C VAL A 44 -2.66 26.68 -33.28
N ALA A 45 -2.73 26.22 -34.52
CA ALA A 45 -4.00 26.06 -35.23
C ALA A 45 -4.38 24.57 -35.25
N ARG A 46 -3.41 23.73 -35.59
CA ARG A 46 -3.62 22.29 -35.63
C ARG A 46 -2.29 21.61 -35.41
N GLN A 47 -2.34 20.30 -35.17
CA GLN A 47 -1.13 19.53 -34.96
C GLN A 47 -1.28 18.24 -35.75
N GLU A 48 -0.25 17.90 -36.52
CA GLU A 48 -0.32 16.72 -37.36
C GLU A 48 0.69 15.67 -36.95
N VAL A 49 0.25 14.42 -36.91
CA VAL A 49 1.15 13.34 -36.53
C VAL A 49 1.56 12.61 -37.80
N TYR A 50 2.87 12.41 -37.95
CA TYR A 50 3.43 11.70 -39.11
C TYR A 50 4.12 10.43 -38.64
N ARG A 51 4.09 9.41 -39.49
CA ARG A 51 4.70 8.14 -39.16
C ARG A 51 5.32 7.50 -40.40
N GLY A 52 6.35 6.71 -40.18
CA GLY A 52 7.00 6.00 -41.26
C GLY A 52 7.58 4.71 -40.74
N THR A 53 7.91 3.77 -41.63
CA THR A 53 8.52 2.52 -41.19
C THR A 53 10.03 2.58 -41.32
N THR A 54 10.54 3.75 -41.72
CA THR A 54 11.97 3.97 -41.82
C THR A 54 12.26 5.35 -41.20
N SER A 55 13.53 5.63 -40.95
CA SER A 55 13.93 6.89 -40.34
C SER A 55 13.92 8.11 -41.27
N ASN A 56 13.69 7.87 -42.56
CA ASN A 56 13.70 8.95 -43.55
C ASN A 56 12.49 9.87 -43.40
N PRO A 57 12.71 11.09 -42.92
CA PRO A 57 11.59 12.02 -42.76
C PRO A 57 10.87 12.33 -44.07
N ASP A 58 11.59 12.26 -45.18
CA ASP A 58 10.96 12.55 -46.46
C ASP A 58 9.90 11.53 -46.86
N LEU A 59 9.93 10.36 -46.21
CA LEU A 59 8.96 9.30 -46.51
C LEU A 59 7.84 9.21 -45.48
N ARG A 60 7.85 10.06 -44.47
CA ARG A 60 6.82 10.00 -43.45
C ARG A 60 5.49 10.41 -44.05
N GLU A 61 4.42 9.85 -43.48
CA GLU A 61 3.09 10.17 -43.96
C GLU A 61 2.17 10.48 -42.79
N ARG A 62 1.22 11.38 -43.02
CA ARG A 62 0.33 11.79 -41.94
C ARG A 62 -0.65 10.70 -41.52
N ILE A 63 -0.76 10.49 -40.22
CA ILE A 63 -1.70 9.51 -39.68
C ILE A 63 -2.80 10.17 -38.87
N ALA A 64 -2.64 11.47 -38.56
CA ALA A 64 -3.67 12.17 -37.81
C ALA A 64 -3.60 13.68 -37.87
N VAL A 65 -4.75 14.32 -37.79
CA VAL A 65 -4.84 15.78 -37.73
C VAL A 65 -5.54 16.01 -36.40
N LEU A 66 -4.87 16.73 -35.49
CA LEU A 66 -5.40 16.97 -34.15
C LEU A 66 -5.68 18.44 -33.90
N ASP A 67 -6.45 18.71 -32.85
CA ASP A 67 -6.76 20.09 -32.49
C ASP A 67 -5.50 20.76 -31.92
N ALA A 68 -5.60 22.03 -31.57
CA ALA A 68 -4.45 22.79 -31.08
C ALA A 68 -4.13 22.64 -29.60
N GLU A 69 -5.04 22.03 -28.85
CA GLU A 69 -4.88 21.92 -27.41
C GLU A 69 -4.23 20.65 -26.87
N THR A 70 -4.46 19.53 -27.53
CA THR A 70 -3.89 18.29 -27.04
C THR A 70 -2.37 18.28 -27.13
N ARG A 71 -1.74 17.49 -26.26
CA ARG A 71 -0.29 17.35 -26.29
C ARG A 71 0.07 15.87 -26.25
N THR A 72 -0.93 15.02 -26.51
CA THR A 72 -0.71 13.59 -26.54
C THR A 72 -1.49 12.95 -27.69
N PHE A 73 -1.08 11.75 -28.06
CA PHE A 73 -1.73 11.00 -29.13
C PHE A 73 -1.43 9.52 -28.94
N LYS A 74 -2.36 8.67 -29.36
CA LYS A 74 -2.14 7.24 -29.27
C LYS A 74 -2.33 6.60 -30.63
N ASP A 75 -1.38 5.76 -31.01
CA ASP A 75 -1.43 5.04 -32.27
C ASP A 75 -1.51 3.54 -31.99
N ALA A 76 -2.67 2.95 -32.27
CA ALA A 76 -2.87 1.52 -32.04
C ALA A 76 -2.95 0.75 -33.36
N ASP A 77 -2.58 1.42 -34.45
CA ASP A 77 -2.64 0.81 -35.77
C ASP A 77 -1.28 0.42 -36.33
N THR A 78 -0.54 -0.41 -35.60
CA THR A 78 0.78 -0.84 -36.06
C THR A 78 0.89 -2.37 -36.08
N ASN A 79 1.83 -2.86 -36.88
CA ASN A 79 2.09 -4.29 -37.00
C ASN A 79 3.29 -4.67 -36.16
N SER A 80 3.24 -5.84 -35.53
CA SER A 80 4.30 -6.32 -34.65
C SER A 80 5.66 -6.55 -35.31
N GLY A 81 5.68 -6.80 -36.62
CA GLY A 81 6.94 -7.07 -37.29
C GLY A 81 7.67 -5.88 -37.89
N LEU A 82 7.22 -4.67 -37.57
CA LEU A 82 7.84 -3.47 -38.10
C LEU A 82 8.22 -2.47 -37.02
N ASN A 83 9.16 -1.59 -37.37
CA ASN A 83 9.58 -0.53 -36.47
C ASN A 83 8.98 0.74 -37.05
N TYR A 84 8.66 1.69 -36.18
CA TYR A 84 8.08 2.94 -36.65
C TYR A 84 8.80 4.17 -36.13
N TRP A 85 8.73 5.23 -36.93
CA TRP A 85 9.29 6.52 -36.59
C TRP A 85 8.11 7.48 -36.63
N TYR A 86 8.08 8.39 -35.66
CA TYR A 86 7.03 9.39 -35.56
C TYR A 86 7.59 10.80 -35.45
N TRP A 87 6.81 11.75 -35.95
CA TRP A 87 7.13 13.18 -35.87
C TRP A 87 5.79 13.87 -35.63
N VAL A 88 5.83 15.00 -34.94
CA VAL A 88 4.63 15.80 -34.73
C VAL A 88 4.93 17.19 -35.29
N ASP A 89 4.04 17.64 -36.15
CA ASP A 89 4.14 18.94 -36.80
C ASP A 89 3.12 19.87 -36.15
N VAL A 90 3.61 20.87 -35.42
CA VAL A 90 2.74 21.85 -34.79
C VAL A 90 2.60 22.97 -35.83
N VAL A 91 1.37 23.18 -36.29
CA VAL A 91 1.09 24.18 -37.33
C VAL A 91 0.48 25.43 -36.72
N SER A 92 1.11 26.57 -36.98
CA SER A 92 0.62 27.83 -36.45
C SER A 92 -0.49 28.39 -37.33
N GLU A 93 -1.15 29.42 -36.83
CA GLU A 93 -2.21 30.07 -37.60
C GLU A 93 -1.63 30.67 -38.87
N ASN A 94 -0.34 30.94 -38.86
CA ASN A 94 0.35 31.52 -40.02
C ASN A 94 1.26 30.58 -40.82
N GLN A 95 0.81 29.35 -41.01
CA GLN A 95 1.51 28.34 -41.80
C GLN A 95 2.89 27.89 -41.34
N ALA A 96 3.30 28.28 -40.13
CA ALA A 96 4.60 27.85 -39.66
C ALA A 96 4.52 26.36 -39.33
N GLN A 97 5.53 25.61 -39.76
CA GLN A 97 5.60 24.18 -39.51
C GLN A 97 6.68 24.00 -38.46
N VAL A 98 6.27 23.70 -37.23
CA VAL A 98 7.22 23.51 -36.15
C VAL A 98 7.28 22.00 -35.93
N VAL A 99 8.23 21.37 -36.62
CA VAL A 99 8.38 19.93 -36.57
C VAL A 99 9.28 19.44 -35.47
N SER A 100 8.80 18.42 -34.77
CA SER A 100 9.55 17.81 -33.68
C SER A 100 10.67 16.92 -34.15
N ASN A 101 11.46 16.49 -33.16
CA ASN A 101 12.52 15.53 -33.39
C ASN A 101 11.75 14.24 -33.68
N ALA A 102 12.43 13.28 -34.28
CA ALA A 102 11.80 11.99 -34.55
C ALA A 102 11.98 11.09 -33.32
N VAL A 103 11.02 10.19 -33.12
CA VAL A 103 11.13 9.19 -32.06
C VAL A 103 10.86 7.87 -32.77
N THR A 104 11.35 6.77 -32.20
CA THR A 104 11.17 5.49 -32.87
C THR A 104 11.03 4.33 -31.89
N THR A 105 10.41 3.26 -32.37
CA THR A 105 10.23 2.05 -31.58
C THR A 105 11.47 1.18 -31.74
N ALA A 106 12.31 1.52 -32.71
CA ALA A 106 13.52 0.74 -32.99
C ALA A 106 14.49 0.76 -31.81
N PRO A 107 14.91 -0.43 -31.36
CA PRO A 107 15.83 -0.63 -30.24
C PRO A 107 17.18 0.07 -30.40
N SER A 119 21.14 17.68 -19.18
CA SER A 119 21.80 16.87 -18.11
C SER A 119 21.52 17.46 -16.73
N GLU A 120 20.76 18.54 -16.69
CA GLU A 120 20.40 19.19 -15.43
C GLU A 120 19.38 18.35 -14.68
N CYS A 121 18.66 17.52 -15.41
CA CYS A 121 17.61 16.69 -14.84
C CYS A 121 18.19 15.40 -14.27
N LYS A 122 18.51 15.44 -12.98
CA LYS A 122 19.08 14.31 -12.26
C LYS A 122 18.30 14.18 -10.96
N PRO A 123 18.18 12.95 -10.43
CA PRO A 123 17.45 12.77 -9.18
C PRO A 123 17.94 13.70 -8.07
N GLY A 124 16.99 14.36 -7.40
CA GLY A 124 17.32 15.25 -6.31
C GLY A 124 17.50 16.70 -6.70
N ALA A 125 17.47 16.98 -7.99
CA ALA A 125 17.64 18.35 -8.46
C ALA A 125 16.47 19.25 -8.11
N THR A 126 16.76 20.50 -7.79
CA THR A 126 15.76 21.50 -7.49
C THR A 126 15.88 22.62 -8.51
N PHE A 127 14.75 22.97 -9.13
CA PHE A 127 14.72 24.04 -10.11
C PHE A 127 13.88 25.17 -9.50
N GLU A 128 14.39 26.39 -9.53
CA GLU A 128 13.68 27.52 -8.96
C GLU A 128 13.55 28.72 -9.91
N ASN A 129 12.34 29.23 -10.02
CA ASN A 129 12.05 30.40 -10.86
C ASN A 129 12.57 30.33 -12.29
N ARG A 130 12.47 29.17 -12.90
CA ARG A 130 12.92 29.00 -14.27
C ARG A 130 12.33 27.76 -14.91
N THR A 131 12.54 27.63 -16.21
CA THR A 131 12.06 26.49 -16.97
C THR A 131 13.25 25.64 -17.38
N VAL A 132 13.11 24.33 -17.21
CA VAL A 132 14.17 23.41 -17.58
C VAL A 132 13.64 22.39 -18.57
N ASP A 133 14.29 22.32 -19.73
CA ASP A 133 13.91 21.36 -20.76
C ASP A 133 14.85 20.17 -20.59
N CYS A 134 14.30 19.03 -20.19
CA CYS A 134 15.10 17.84 -19.97
C CYS A 134 15.46 17.07 -21.24
N GLY A 135 14.97 17.55 -22.38
CA GLY A 135 15.29 16.92 -23.65
C GLY A 135 14.96 15.46 -23.85
N GLY A 136 13.96 14.95 -23.14
CA GLY A 136 13.56 13.57 -23.29
C GLY A 136 14.35 12.51 -22.56
N VAL A 137 15.24 12.91 -21.67
CA VAL A 137 16.04 11.92 -20.94
C VAL A 137 15.22 11.19 -19.89
N THR A 138 15.76 10.07 -19.42
CA THR A 138 15.12 9.26 -18.40
C THR A 138 15.85 9.42 -17.07
N ILE A 139 15.09 9.47 -15.99
CA ILE A 139 15.70 9.54 -14.65
C ILE A 139 14.91 8.60 -13.76
N GLY A 140 15.54 8.18 -12.68
CA GLY A 140 14.89 7.28 -11.75
C GLY A 140 15.86 6.84 -10.69
N THR A 141 15.33 6.41 -9.56
CA THR A 141 16.16 5.91 -8.47
C THR A 141 15.65 4.53 -8.11
N SER A 142 14.66 4.46 -7.24
CA SER A 142 14.10 3.17 -6.83
C SER A 142 12.65 3.30 -6.41
N CYS A 143 12.05 2.16 -6.07
CA CYS A 143 10.68 2.12 -5.61
C CYS A 143 10.52 0.87 -4.76
N PRO A 144 11.11 0.88 -3.55
CA PRO A 144 11.04 -0.26 -2.63
C PRO A 144 9.62 -0.60 -2.21
N ASN A 145 9.36 -1.89 -2.04
CA ASN A 145 8.06 -2.36 -1.60
C ASN A 145 7.88 -1.94 -0.15
N ASP A 146 6.66 -1.57 0.21
CA ASP A 146 6.34 -1.25 1.60
C ASP A 146 7.12 -0.13 2.29
N SER A 147 7.63 0.82 1.52
CA SER A 147 8.37 1.95 2.09
C SER A 147 7.41 2.95 2.70
N ASP A 148 7.83 3.58 3.79
CA ASP A 148 7.01 4.56 4.48
C ASP A 148 7.34 5.98 4.04
N LYS A 149 8.45 6.13 3.32
CA LYS A 149 8.87 7.46 2.87
C LYS A 149 9.86 7.36 1.73
N GLN A 150 9.54 8.04 0.62
CA GLN A 150 10.42 8.07 -0.53
C GLN A 150 10.68 9.53 -0.88
N LYS A 151 11.78 9.77 -1.59
CA LYS A 151 12.17 11.13 -1.95
C LYS A 151 11.72 11.55 -3.33
N PRO A 152 11.48 12.86 -3.52
CA PRO A 152 11.07 13.33 -4.83
C PRO A 152 12.28 13.26 -5.76
N LEU A 153 12.03 12.99 -7.04
CA LEU A 153 13.11 12.93 -8.02
C LEU A 153 13.47 14.33 -8.48
N ILE A 154 12.47 15.20 -8.57
CA ILE A 154 12.65 16.58 -9.00
C ILE A 154 11.80 17.46 -8.10
N ILE A 155 12.36 18.59 -7.68
CA ILE A 155 11.64 19.55 -6.84
C ILE A 155 11.56 20.86 -7.61
N LEU A 156 10.36 21.37 -7.74
CA LEU A 156 10.13 22.62 -8.46
C LEU A 156 9.69 23.70 -7.47
N LYS A 157 10.28 24.88 -7.59
CA LYS A 157 9.90 26.02 -6.75
C LYS A 157 9.61 27.13 -7.75
N ASN A 158 8.33 27.32 -8.06
CA ASN A 158 7.87 28.31 -9.04
C ASN A 158 8.67 28.06 -10.31
N ALA A 159 8.73 26.79 -10.70
CA ALA A 159 9.50 26.38 -11.88
C ALA A 159 8.77 25.40 -12.77
N THR A 160 9.30 25.24 -13.98
CA THR A 160 8.71 24.35 -14.96
C THR A 160 9.73 23.31 -15.42
N VAL A 161 9.29 22.07 -15.58
CA VAL A 161 10.15 21.03 -16.10
C VAL A 161 9.40 20.42 -17.29
N LYS A 162 10.11 20.13 -18.36
CA LYS A 162 9.45 19.53 -19.51
C LYS A 162 10.28 18.48 -20.21
N ASN A 163 9.59 17.56 -20.89
CA ASN A 163 10.19 16.49 -21.67
C ASN A 163 11.08 15.60 -20.81
N LEU A 164 10.46 14.86 -19.90
CA LEU A 164 11.20 14.00 -18.99
C LEU A 164 10.50 12.67 -18.83
N ARG A 165 11.27 11.60 -18.72
CA ARG A 165 10.72 10.27 -18.54
C ARG A 165 11.19 9.75 -17.19
N ILE A 166 10.26 9.18 -16.44
N ILE A 166 10.27 9.19 -16.42
CA ILE A 166 10.54 8.62 -15.14
CA ILE A 166 10.60 8.63 -15.12
C ILE A 166 10.52 7.11 -15.31
C ILE A 166 10.51 7.11 -15.26
N SER A 167 11.63 6.45 -14.99
CA SER A 167 11.73 4.99 -15.13
C SER A 167 10.71 4.17 -14.36
N ALA A 168 10.35 3.02 -14.91
CA ALA A 168 9.37 2.14 -14.30
C ALA A 168 9.76 1.66 -12.91
N SER A 169 11.04 1.40 -12.70
CA SER A 169 11.51 0.89 -11.42
C SER A 169 12.07 1.93 -10.46
N GLY A 170 12.10 3.20 -10.88
CA GLY A 170 12.66 4.22 -10.02
C GLY A 170 11.85 5.48 -9.83
N GLY A 171 10.54 5.33 -9.80
CA GLY A 171 9.66 6.48 -9.66
C GLY A 171 9.67 7.21 -8.32
N ALA A 172 10.18 6.56 -7.29
CA ALA A 172 10.25 7.14 -5.93
C ALA A 172 9.03 7.99 -5.59
N ASP A 173 9.24 9.25 -5.23
CA ASP A 173 8.09 10.11 -4.91
C ASP A 173 7.82 11.16 -6.00
N GLY A 174 8.08 10.78 -7.24
CA GLY A 174 7.80 11.66 -8.36
C GLY A 174 8.33 13.07 -8.35
N ILE A 175 7.49 14.01 -8.77
CA ILE A 175 7.86 15.42 -8.87
C ILE A 175 7.10 16.29 -7.90
N HIS A 176 7.80 17.10 -7.12
CA HIS A 176 7.17 18.00 -6.16
C HIS A 176 7.11 19.44 -6.63
N CYS A 177 5.96 20.08 -6.42
CA CYS A 177 5.85 21.51 -6.67
C CYS A 177 5.84 21.99 -5.22
N ASP A 178 6.97 22.50 -4.75
CA ASP A 178 7.04 22.92 -3.35
C ASP A 178 6.82 24.38 -2.99
N SER A 179 6.56 25.20 -4.01
N SER A 179 6.57 25.20 -4.01
CA SER A 179 6.28 26.62 -3.79
CA SER A 179 6.33 26.62 -3.81
C SER A 179 5.91 27.26 -5.10
C SER A 179 5.91 27.27 -5.12
N GLY A 180 5.09 28.30 -5.02
CA GLY A 180 4.67 29.02 -6.20
C GLY A 180 3.94 28.25 -7.27
N ASN A 181 4.18 28.67 -8.51
CA ASN A 181 3.51 28.07 -9.66
C ASN A 181 4.44 27.20 -10.46
N CYS A 182 4.10 25.92 -10.52
CA CYS A 182 4.92 24.96 -11.23
C CYS A 182 4.16 24.32 -12.38
N THR A 183 4.90 24.02 -13.44
CA THR A 183 4.32 23.36 -14.58
C THR A 183 5.14 22.11 -14.88
N ILE A 184 4.43 21.00 -15.06
CA ILE A 184 5.03 19.70 -15.36
C ILE A 184 4.49 19.41 -16.75
N GLU A 185 5.34 19.65 -17.74
CA GLU A 185 4.97 19.57 -19.15
C GLU A 185 5.60 18.43 -19.92
N ASN A 186 4.76 17.59 -20.51
CA ASN A 186 5.21 16.43 -21.26
C ASN A 186 6.17 15.54 -20.48
N VAL A 187 5.68 15.03 -19.36
CA VAL A 187 6.46 14.11 -18.55
C VAL A 187 5.78 12.74 -18.70
N ILE A 188 6.61 11.69 -18.76
CA ILE A 188 6.11 10.34 -18.91
C ILE A 188 6.55 9.53 -17.71
N TRP A 189 5.58 8.94 -17.01
CA TRP A 189 5.88 8.09 -15.85
C TRP A 189 5.66 6.66 -16.32
N GLU A 190 6.73 5.87 -16.41
CA GLU A 190 6.62 4.49 -16.89
C GLU A 190 5.86 3.54 -15.96
N ASP A 191 5.86 3.85 -14.66
CA ASP A 191 5.14 3.09 -13.64
C ASP A 191 5.21 3.94 -12.38
N ILE A 192 4.16 4.72 -12.14
CA ILE A 192 4.12 5.58 -10.98
C ILE A 192 4.48 4.80 -9.72
N CYS A 193 5.34 5.37 -8.89
CA CYS A 193 5.72 4.72 -7.65
C CYS A 193 4.75 5.19 -6.56
N GLU A 194 5.15 6.10 -5.68
CA GLU A 194 4.23 6.57 -4.63
C GLU A 194 3.06 7.34 -5.25
N ASP A 195 3.42 8.25 -6.15
CA ASP A 195 2.47 9.07 -6.88
C ASP A 195 3.28 9.76 -7.96
N ALA A 196 2.62 10.46 -8.88
CA ALA A 196 3.32 11.12 -9.98
C ALA A 196 3.85 12.52 -9.67
N ALA A 197 2.98 13.35 -9.09
CA ALA A 197 3.35 14.73 -8.75
C ALA A 197 2.60 15.12 -7.49
N THR A 198 3.21 16.03 -6.73
CA THR A 198 2.66 16.49 -5.46
C THR A 198 2.59 18.01 -5.41
N ASN A 199 1.41 18.53 -5.13
CA ASN A 199 1.22 19.96 -5.04
C ASN A 199 1.36 20.43 -3.60
N ASN A 200 2.53 20.98 -3.30
CA ASN A 200 2.85 21.57 -2.00
C ASN A 200 3.07 23.07 -2.25
N GLY A 201 2.60 23.56 -3.39
CA GLY A 201 2.78 24.95 -3.77
C GLY A 201 1.50 25.72 -3.98
N LYS A 202 1.52 26.71 -4.88
CA LYS A 202 0.34 27.54 -5.14
C LYS A 202 -0.51 26.99 -6.28
N THR A 203 0.09 26.81 -7.44
CA THR A 203 -0.61 26.23 -8.58
C THR A 203 0.32 25.25 -9.27
N MET A 204 -0.12 24.00 -9.40
CA MET A 204 0.66 22.97 -10.08
C MET A 204 -0.13 22.58 -11.34
N THR A 205 0.48 22.81 -12.49
CA THR A 205 -0.19 22.53 -13.76
C THR A 205 0.47 21.38 -14.51
N ILE A 206 -0.34 20.38 -14.89
CA ILE A 206 0.13 19.23 -15.65
C ILE A 206 -0.32 19.52 -17.09
N VAL A 207 0.63 19.61 -18.01
CA VAL A 207 0.35 19.91 -19.42
C VAL A 207 0.75 18.70 -20.25
N GLY A 208 -0.25 17.92 -20.66
CA GLY A 208 0.04 16.71 -21.39
C GLY A 208 0.72 15.71 -20.47
N GLY A 209 1.51 14.82 -21.07
CA GLY A 209 2.20 13.79 -20.32
C GLY A 209 1.43 12.48 -20.38
N ILE A 210 2.11 11.39 -20.05
CA ILE A 210 1.51 10.06 -20.08
C ILE A 210 1.93 9.39 -18.78
N ALA A 211 0.97 8.94 -17.97
CA ALA A 211 1.31 8.30 -16.70
C ALA A 211 0.75 6.89 -16.64
N HIS A 212 1.64 5.93 -16.53
CA HIS A 212 1.26 4.54 -16.47
C HIS A 212 1.31 4.01 -15.04
N ASN A 213 0.39 3.12 -14.73
CA ASN A 213 0.44 2.45 -13.44
C ASN A 213 -0.10 1.06 -13.70
N ALA A 214 0.21 0.12 -12.83
CA ALA A 214 -0.26 -1.24 -13.07
C ALA A 214 -0.52 -1.98 -11.79
N LYS A 215 -1.50 -2.88 -11.84
CA LYS A 215 -1.81 -3.70 -10.68
C LYS A 215 -0.59 -4.60 -10.54
N ASP A 216 -0.12 -4.74 -9.31
CA ASP A 216 1.04 -5.57 -9.00
C ASP A 216 2.35 -4.95 -9.52
N GLY A 217 2.31 -3.67 -9.87
CA GLY A 217 3.51 -3.00 -10.36
C GLY A 217 4.35 -2.41 -9.24
N TYR A 218 5.32 -1.56 -9.60
CA TYR A 218 6.19 -0.94 -8.60
C TYR A 218 5.39 0.00 -7.72
N GLY A 219 5.62 -0.08 -6.41
CA GLY A 219 4.91 0.78 -5.49
C GLY A 219 3.65 0.16 -4.91
N GLY A 220 3.30 -1.04 -5.35
CA GLY A 220 2.12 -1.71 -4.84
C GLY A 220 0.84 -1.38 -5.58
N LYS A 221 -0.30 -1.58 -4.93
CA LYS A 221 -1.58 -1.30 -5.56
C LYS A 221 -1.69 0.16 -5.96
N PRO A 222 -2.07 0.41 -7.23
CA PRO A 222 -2.21 1.79 -7.73
C PRO A 222 -3.07 2.65 -6.82
N ASP A 223 -2.57 3.83 -6.51
CA ASP A 223 -3.27 4.77 -5.66
C ASP A 223 -3.41 6.07 -6.45
N LYS A 224 -3.14 7.21 -5.82
CA LYS A 224 -3.30 8.47 -6.54
C LYS A 224 -2.17 8.83 -7.49
N VAL A 225 -2.53 9.59 -8.52
CA VAL A 225 -1.56 10.08 -9.50
C VAL A 225 -1.06 11.44 -8.98
N LEU A 226 -2.00 12.33 -8.67
CA LEU A 226 -1.68 13.66 -8.17
C LEU A 226 -2.08 13.82 -6.71
N GLN A 227 -1.10 14.11 -5.86
CA GLN A 227 -1.33 14.33 -4.43
C GLN A 227 -1.33 15.84 -4.20
N HIS A 228 -2.25 16.33 -3.39
CA HIS A 228 -2.36 17.77 -3.16
C HIS A 228 -2.42 18.04 -1.66
N ASN A 229 -1.36 18.66 -1.15
CA ASN A 229 -1.21 18.94 0.28
C ASN A 229 -1.34 20.40 0.69
N SER A 230 -0.88 21.33 -0.15
CA SER A 230 -0.98 22.73 0.23
C SER A 230 -2.44 23.18 0.24
N LYS A 231 -2.69 24.36 0.80
CA LYS A 231 -4.04 24.92 0.87
C LYS A 231 -4.09 26.24 0.09
N ASN A 232 -5.31 26.67 -0.26
CA ASN A 232 -5.52 27.89 -1.03
C ASN A 232 -4.70 27.72 -2.31
N SER A 233 -4.77 26.51 -2.87
CA SER A 233 -3.98 26.15 -4.03
C SER A 233 -4.75 25.30 -5.03
N THR A 234 -4.24 25.25 -6.24
CA THR A 234 -4.90 24.55 -7.33
C THR A 234 -4.01 23.62 -8.13
N THR A 235 -4.57 22.47 -8.51
CA THR A 235 -3.88 21.54 -9.40
C THR A 235 -4.68 21.62 -10.69
N VAL A 236 -3.99 21.89 -11.79
CA VAL A 236 -4.61 22.03 -13.11
C VAL A 236 -4.15 20.90 -14.02
N VAL A 237 -5.07 20.30 -14.76
CA VAL A 237 -4.76 19.20 -15.67
C VAL A 237 -5.32 19.52 -17.05
N LYS A 238 -4.42 19.66 -18.02
CA LYS A 238 -4.81 19.98 -19.39
C LYS A 238 -3.89 19.34 -20.40
N GLY A 239 -4.08 19.66 -21.67
CA GLY A 239 -3.22 19.10 -22.71
C GLY A 239 -3.42 17.62 -22.95
N ASN A 240 -4.55 17.09 -22.47
CA ASN A 240 -4.88 15.69 -22.62
C ASN A 240 -3.91 14.73 -21.94
N PHE A 241 -3.57 15.07 -20.70
CA PHE A 241 -2.74 14.23 -19.84
C PHE A 241 -3.43 12.86 -19.92
N THR A 242 -2.65 11.82 -20.20
CA THR A 242 -3.22 10.49 -20.39
C THR A 242 -2.73 9.47 -19.38
N LEU A 243 -3.68 8.74 -18.81
CA LEU A 243 -3.37 7.69 -17.85
C LEU A 243 -3.53 6.36 -18.57
N THR A 244 -2.54 5.50 -18.42
CA THR A 244 -2.59 4.17 -19.04
C THR A 244 -2.44 3.11 -17.96
N GLY A 245 -2.93 1.91 -18.24
CA GLY A 245 -2.81 0.85 -17.27
C GLY A 245 -3.96 0.83 -16.27
N GLU A 246 -3.61 0.57 -15.00
CA GLU A 246 -4.58 0.52 -13.91
C GLU A 246 -4.19 1.57 -12.87
N HIS A 247 -5.14 2.43 -12.51
CA HIS A 247 -4.91 3.51 -11.55
C HIS A 247 -5.89 3.53 -10.38
N GLY A 248 -5.49 4.20 -9.30
CA GLY A 248 -6.35 4.33 -8.15
C GLY A 248 -7.24 5.54 -8.39
N LYS A 249 -6.64 6.73 -8.43
CA LYS A 249 -7.40 7.94 -8.72
C LYS A 249 -6.49 8.99 -9.31
N LEU A 250 -7.07 9.95 -10.02
CA LEU A 250 -6.27 11.00 -10.63
C LEU A 250 -5.77 12.03 -9.63
N TRP A 251 -6.65 12.48 -8.74
CA TRP A 251 -6.29 13.52 -7.79
C TRP A 251 -6.97 13.34 -6.46
N ARG A 252 -6.22 13.58 -5.39
CA ARG A 252 -6.77 13.49 -4.05
C ARG A 252 -6.32 14.66 -3.20
N SER A 253 -7.29 15.37 -2.63
CA SER A 253 -6.98 16.43 -1.68
C SER A 253 -6.63 15.60 -0.44
N CYS A 254 -5.46 15.82 0.14
CA CYS A 254 -5.06 15.02 1.29
C CYS A 254 -6.18 14.80 2.30
N GLY A 255 -6.49 13.53 2.56
CA GLY A 255 -7.58 13.23 3.49
C GLY A 255 -7.28 13.30 4.97
N ASP A 256 -6.06 12.96 5.37
CA ASP A 256 -5.69 12.94 6.79
C ASP A 256 -4.31 13.50 7.10
N CYS A 257 -3.87 14.50 6.34
CA CYS A 257 -2.55 15.10 6.55
C CYS A 257 -2.36 15.73 7.93
N SER A 258 -1.11 15.85 8.36
CA SER A 258 -0.84 16.52 9.62
C SER A 258 -1.13 17.95 9.19
N ASN A 259 -1.73 18.75 10.08
CA ASN A 259 -2.05 20.13 9.76
C ASN A 259 -2.93 20.20 8.50
N ASN A 260 -3.85 19.25 8.37
CA ASN A 260 -4.77 19.20 7.23
C ASN A 260 -5.74 20.39 7.24
N GLY A 261 -6.33 20.65 6.09
CA GLY A 261 -7.28 21.73 5.96
C GLY A 261 -7.47 22.04 4.48
N GLY A 262 -8.08 23.18 4.18
CA GLY A 262 -8.32 23.56 2.80
C GLY A 262 -8.44 25.05 2.62
N PRO A 263 -9.01 25.52 1.51
CA PRO A 263 -9.54 24.68 0.43
C PRO A 263 -8.48 24.26 -0.57
N ARG A 264 -8.70 23.12 -1.22
CA ARG A 264 -7.80 22.64 -2.27
C ARG A 264 -8.65 22.54 -3.52
N PHE A 265 -8.10 22.97 -4.65
CA PHE A 265 -8.85 22.96 -5.89
C PHE A 265 -8.24 22.12 -6.99
N LEU A 266 -9.11 21.52 -7.78
CA LEU A 266 -8.68 20.76 -8.94
C LEU A 266 -9.42 21.35 -10.14
N THR A 267 -8.68 21.61 -11.21
CA THR A 267 -9.26 22.10 -12.45
C THR A 267 -8.80 21.18 -13.56
N VAL A 268 -9.71 20.36 -14.08
CA VAL A 268 -9.40 19.47 -15.19
C VAL A 268 -10.12 19.98 -16.42
N THR A 269 -9.38 20.22 -17.50
CA THR A 269 -9.99 20.68 -18.74
C THR A 269 -9.80 19.70 -19.89
N SER A 270 -8.82 18.81 -19.77
CA SER A 270 -8.56 17.82 -20.81
C SER A 270 -7.66 16.70 -20.29
N ALA A 271 -8.22 15.50 -20.22
CA ALA A 271 -7.48 14.33 -19.75
C ALA A 271 -8.15 13.08 -20.27
N THR A 272 -7.37 12.02 -20.39
CA THR A 272 -7.87 10.74 -20.89
C THR A 272 -7.41 9.59 -20.03
N VAL A 273 -8.33 8.69 -19.71
CA VAL A 273 -7.98 7.49 -18.96
C VAL A 273 -8.16 6.35 -19.96
N ASN A 274 -7.05 5.82 -20.48
CA ASN A 274 -7.11 4.71 -21.42
C ASN A 274 -6.59 3.50 -20.66
N GLY A 275 -7.45 3.00 -19.79
CA GLY A 275 -7.16 1.85 -18.96
C GLY A 275 -8.27 1.86 -17.93
N THR A 276 -7.98 1.43 -16.72
CA THR A 276 -8.99 1.40 -15.66
C THR A 276 -8.57 2.31 -14.52
N ILE A 277 -9.55 2.78 -13.76
CA ILE A 277 -9.27 3.65 -12.64
C ILE A 277 -10.40 3.49 -11.63
N ASP A 278 -10.07 3.57 -10.34
CA ASP A 278 -11.10 3.39 -9.32
C ASP A 278 -12.05 4.58 -9.19
N SER A 279 -11.50 5.79 -9.29
CA SER A 279 -12.27 7.02 -9.22
C SER A 279 -11.39 8.13 -9.77
N ILE A 280 -11.97 9.29 -10.04
CA ILE A 280 -11.19 10.37 -10.59
C ILE A 280 -10.66 11.37 -9.54
N ALA A 281 -11.57 11.97 -8.78
CA ALA A 281 -11.20 12.97 -7.80
C ALA A 281 -11.86 12.78 -6.45
N GLY A 282 -11.12 13.15 -5.41
CA GLY A 282 -11.63 13.06 -4.05
C GLY A 282 -11.46 14.41 -3.36
N VAL A 283 -12.57 15.05 -3.03
CA VAL A 283 -12.57 16.35 -2.36
C VAL A 283 -13.01 16.24 -0.92
N ASN A 284 -12.41 17.05 -0.05
CA ASN A 284 -12.83 17.08 1.35
C ASN A 284 -13.83 18.23 1.37
N ARG A 285 -15.12 17.92 1.32
CA ARG A 285 -16.09 18.99 1.28
C ARG A 285 -16.14 19.86 2.53
N ASN A 286 -15.77 19.29 3.68
CA ASN A 286 -15.78 20.07 4.91
C ASN A 286 -14.68 21.14 4.94
N TYR A 287 -13.69 21.00 4.07
CA TYR A 287 -12.59 21.97 4.02
C TYR A 287 -12.75 22.94 2.84
N GLY A 288 -13.88 22.84 2.14
CA GLY A 288 -14.15 23.74 1.03
C GLY A 288 -13.51 23.41 -0.30
N ASP A 289 -12.98 22.19 -0.44
CA ASP A 289 -12.35 21.79 -1.70
C ASP A 289 -13.36 21.81 -2.85
N VAL A 290 -12.89 22.15 -4.04
CA VAL A 290 -13.77 22.13 -5.20
C VAL A 290 -13.05 21.56 -6.40
N ALA A 291 -13.63 20.54 -7.01
CA ALA A 291 -13.07 19.93 -8.22
C ALA A 291 -13.93 20.38 -9.38
N THR A 292 -13.31 21.04 -10.35
CA THR A 292 -14.02 21.53 -11.54
C THR A 292 -13.48 20.69 -12.69
N ILE A 293 -14.34 19.85 -13.25
CA ILE A 293 -13.95 18.88 -14.28
C ILE A 293 -14.77 18.88 -15.57
N SER A 294 -14.06 18.84 -16.70
CA SER A 294 -14.67 18.76 -18.03
C SER A 294 -13.58 18.29 -18.99
N GLY A 295 -13.98 17.86 -20.18
CA GLY A 295 -13.02 17.38 -21.16
C GLY A 295 -12.36 16.08 -20.75
N LEU A 296 -13.04 15.30 -19.91
CA LEU A 296 -12.52 14.03 -19.43
C LEU A 296 -13.04 12.86 -20.25
N LYS A 297 -12.14 12.07 -20.81
CA LYS A 297 -12.51 10.92 -21.62
C LYS A 297 -12.04 9.66 -20.90
N ILE A 298 -12.93 8.68 -20.77
CA ILE A 298 -12.58 7.47 -20.07
C ILE A 298 -12.95 6.23 -20.89
N LYS A 299 -12.00 5.32 -21.02
CA LYS A 299 -12.23 4.08 -21.77
C LYS A 299 -13.48 3.37 -21.24
N ASN A 300 -14.39 3.05 -22.15
CA ASN A 300 -15.64 2.35 -21.83
C ASN A 300 -16.41 2.95 -20.65
N TYR A 301 -16.40 4.27 -20.57
CA TYR A 301 -17.09 4.96 -19.49
C TYR A 301 -18.57 4.63 -19.39
N LYS A 302 -19.03 4.40 -18.17
CA LYS A 302 -20.42 4.12 -17.86
C LYS A 302 -20.65 4.91 -16.56
N GLU A 303 -21.84 5.47 -16.38
CA GLU A 303 -22.09 6.23 -15.17
C GLU A 303 -21.80 5.37 -13.93
N GLY A 304 -20.98 5.89 -13.02
CA GLY A 304 -20.64 5.15 -11.83
C GLY A 304 -19.52 4.14 -12.02
N LYS A 305 -19.05 4.02 -13.26
CA LYS A 305 -17.99 3.09 -13.61
C LYS A 305 -17.01 3.77 -14.57
N PRO A 306 -16.04 4.50 -14.02
CA PRO A 306 -15.83 4.71 -12.59
C PRO A 306 -16.48 5.97 -12.06
N PRO A 307 -16.63 6.08 -10.73
CA PRO A 307 -17.24 7.30 -10.19
C PRO A 307 -16.21 8.40 -10.50
N VAL A 308 -16.69 9.61 -10.79
CA VAL A 308 -15.77 10.69 -11.13
C VAL A 308 -15.39 11.51 -9.90
N CYS A 309 -16.29 12.35 -9.42
CA CYS A 309 -15.97 13.16 -8.24
C CYS A 309 -16.65 12.58 -7.01
N GLU A 310 -15.86 12.32 -5.97
CA GLU A 310 -16.42 11.79 -4.74
C GLU A 310 -16.13 12.75 -3.61
N GLU A 311 -17.12 12.94 -2.74
CA GLU A 311 -16.98 13.83 -1.58
C GLU A 311 -16.63 13.03 -0.34
N PHE A 312 -15.72 13.60 0.46
CA PHE A 312 -15.23 12.99 1.69
C PHE A 312 -15.19 14.02 2.79
N LYS A 313 -14.95 13.54 4.00
CA LYS A 313 -14.77 14.42 5.15
C LYS A 313 -13.29 14.29 5.44
N GLY A 314 -12.57 15.40 5.41
CA GLY A 314 -11.14 15.37 5.70
C GLY A 314 -10.91 15.60 7.18
N VAL A 315 -9.77 15.15 7.70
CA VAL A 315 -9.45 15.33 9.11
C VAL A 315 -7.97 15.65 9.30
N VAL A 316 -7.64 16.18 10.46
CA VAL A 316 -6.25 16.47 10.81
C VAL A 316 -5.75 15.14 11.38
N LYS A 317 -4.54 14.73 11.02
CA LYS A 317 -4.01 13.46 11.50
C LYS A 317 -4.18 13.29 13.00
N GLY A 318 -4.78 12.16 13.39
CA GLY A 318 -4.99 11.86 14.79
C GLY A 318 -6.17 12.58 15.45
N GLN A 319 -6.88 13.40 14.68
CA GLN A 319 -8.02 14.12 15.23
C GLN A 319 -9.31 13.76 14.51
N GLY A 320 -9.66 12.49 14.55
CA GLY A 320 -10.88 12.05 13.90
C GLY A 320 -10.67 11.06 12.76
N SER A 321 -11.78 10.57 12.22
CA SER A 321 -11.72 9.60 11.13
C SER A 321 -12.34 10.19 9.87
N THR A 322 -11.75 9.90 8.72
CA THR A 322 -12.30 10.39 7.46
C THR A 322 -13.55 9.59 7.16
N GLU A 323 -14.39 10.13 6.28
CA GLU A 323 -15.62 9.47 5.87
C GLU A 323 -15.80 9.69 4.38
N LYS A 324 -16.43 8.73 3.72
CA LYS A 324 -16.68 8.82 2.28
C LYS A 324 -18.17 9.00 2.07
N TYR A 325 -18.56 10.10 1.43
CA TYR A 325 -19.98 10.37 1.20
C TYR A 325 -20.50 9.84 -0.14
N GLY A 326 -19.61 9.67 -1.10
CA GLY A 326 -20.00 9.13 -2.39
C GLY A 326 -19.80 10.03 -3.59
N GLU A 327 -20.09 9.48 -4.77
CA GLU A 327 -19.98 10.22 -6.01
C GLU A 327 -21.09 11.26 -6.11
N LYS A 328 -20.72 12.45 -6.56
CA LYS A 328 -21.65 13.57 -6.69
C LYS A 328 -21.50 14.26 -8.03
N TRP A 329 -22.59 14.89 -8.47
CA TRP A 329 -22.60 15.65 -9.72
C TRP A 329 -23.23 17.00 -9.44
N ASP A 330 -22.69 18.03 -10.06
CA ASP A 330 -23.22 19.38 -9.92
C ASP A 330 -23.50 19.83 -8.49
N THR A 331 -22.51 19.67 -7.62
CA THR A 331 -22.66 20.14 -6.24
C THR A 331 -21.62 21.25 -6.03
N THR A 332 -21.68 21.90 -4.87
CA THR A 332 -20.75 22.96 -4.55
C THR A 332 -19.30 22.51 -4.65
N ASN A 333 -19.02 21.32 -4.14
CA ASN A 333 -17.66 20.81 -4.14
C ASN A 333 -17.28 19.94 -5.32
N CYS A 334 -18.27 19.41 -6.03
CA CYS A 334 -18.02 18.60 -7.21
C CYS A 334 -18.64 19.31 -8.40
N LYS A 335 -17.87 20.23 -8.97
CA LYS A 335 -18.32 21.00 -10.12
C LYS A 335 -18.03 20.22 -11.39
N VAL A 336 -18.75 19.12 -11.54
CA VAL A 336 -18.64 18.29 -12.72
C VAL A 336 -20.07 17.90 -13.11
N SER A 337 -20.36 17.99 -14.41
CA SER A 337 -21.68 17.65 -14.93
C SER A 337 -21.52 16.41 -15.80
N ARG A 338 -22.62 15.72 -16.08
CA ARG A 338 -22.57 14.53 -16.92
C ARG A 338 -21.92 14.83 -18.27
N SER A 339 -22.10 16.05 -18.76
CA SER A 339 -21.56 16.47 -20.04
C SER A 339 -20.04 16.64 -20.00
N GLY A 340 -19.48 16.62 -18.79
CA GLY A 340 -18.04 16.80 -18.66
C GLY A 340 -17.22 15.54 -18.81
N VAL A 341 -17.88 14.39 -18.86
CA VAL A 341 -17.21 13.11 -18.98
C VAL A 341 -17.83 12.29 -20.09
N SER A 342 -16.99 11.60 -20.86
CA SER A 342 -17.50 10.79 -21.96
C SER A 342 -16.66 9.57 -22.21
N LYS A 343 -17.24 8.63 -22.96
CA LYS A 343 -16.58 7.40 -23.34
C LYS A 343 -15.51 7.75 -24.36
N LEU A 344 -14.30 7.26 -24.14
CA LEU A 344 -13.20 7.52 -25.06
C LEU A 344 -13.49 6.87 -26.40
N ALA B 20 7.77 -8.29 39.54
CA ALA B 20 7.28 -8.70 38.20
C ALA B 20 5.79 -8.38 38.06
N GLN B 21 5.34 -8.27 36.82
CA GLN B 21 3.94 -7.95 36.54
C GLN B 21 3.42 -8.85 35.42
N THR B 22 2.10 -8.98 35.36
CA THR B 22 1.44 -9.75 34.31
C THR B 22 0.28 -8.91 33.82
N THR B 23 0.25 -8.65 32.52
CA THR B 23 -0.84 -7.86 31.93
C THR B 23 -1.67 -8.77 31.04
N LEU B 24 -2.97 -8.84 31.34
CA LEU B 24 -3.91 -9.69 30.63
C LEU B 24 -4.89 -8.92 29.76
N MET B 25 -5.20 -9.50 28.60
CA MET B 25 -6.15 -8.94 27.66
C MET B 25 -7.06 -10.07 27.17
N LEU B 26 -8.26 -9.71 26.77
CA LEU B 26 -9.24 -10.67 26.28
C LEU B 26 -9.84 -10.24 24.96
N SER B 27 -10.10 -11.22 24.10
CA SER B 27 -10.76 -10.97 22.83
C SER B 27 -11.78 -12.08 22.65
N GLN B 28 -13.02 -11.73 22.29
CA GLN B 28 -14.06 -12.72 22.11
C GLN B 28 -14.44 -12.82 20.64
N LYS B 29 -14.52 -14.05 20.15
CA LYS B 29 -14.91 -14.31 18.77
C LYS B 29 -15.81 -15.53 18.75
N SER B 30 -16.98 -15.40 18.11
CA SER B 30 -17.94 -16.48 18.03
C SER B 30 -18.21 -17.09 19.41
N ASP B 31 -18.34 -16.19 20.39
CA ASP B 31 -18.61 -16.55 21.78
C ASP B 31 -17.50 -17.28 22.53
N VAL B 32 -16.34 -17.45 21.88
CA VAL B 32 -15.21 -18.10 22.54
C VAL B 32 -14.33 -16.99 23.08
N ASN B 33 -13.88 -17.14 24.32
CA ASN B 33 -13.02 -16.14 24.96
C ASN B 33 -11.54 -16.49 24.84
N TYR B 34 -10.80 -15.61 24.20
CA TYR B 34 -9.36 -15.80 24.02
C TYR B 34 -8.60 -14.86 24.94
N LEU B 35 -7.66 -15.41 25.68
CA LEU B 35 -6.83 -14.65 26.61
C LEU B 35 -5.43 -14.53 26.07
N GLY B 36 -4.86 -13.34 26.23
CA GLY B 36 -3.49 -13.11 25.82
C GLY B 36 -2.84 -12.27 26.91
N TRP B 37 -1.67 -12.70 27.39
CA TRP B 37 -0.99 -11.93 28.41
C TRP B 37 0.49 -11.82 28.14
N SER B 38 1.11 -10.88 28.82
CA SER B 38 2.55 -10.73 28.75
C SER B 38 3.01 -10.69 30.20
N THR B 39 4.22 -11.18 30.47
CA THR B 39 4.74 -11.12 31.83
C THR B 39 6.22 -10.85 31.74
N ASP B 40 6.77 -10.18 32.75
CA ASP B 40 8.20 -9.92 32.74
C ASP B 40 8.89 -10.77 33.81
N GLU B 41 8.17 -11.77 34.32
CA GLU B 41 8.75 -12.69 35.30
C GLU B 41 9.82 -13.46 34.53
N SER B 42 11.04 -13.47 35.06
CA SER B 42 12.16 -14.13 34.38
C SER B 42 12.27 -15.64 34.54
N LYS B 43 11.67 -16.19 35.60
CA LYS B 43 11.76 -17.62 35.83
C LYS B 43 10.38 -18.25 36.02
N VAL B 44 9.58 -18.21 34.96
CA VAL B 44 8.24 -18.76 35.01
C VAL B 44 8.30 -20.28 35.10
N ALA B 45 7.51 -20.84 36.01
CA ALA B 45 7.46 -22.29 36.19
C ALA B 45 6.16 -22.82 35.60
N ARG B 46 5.06 -22.14 35.89
CA ARG B 46 3.74 -22.55 35.38
C ARG B 46 2.86 -21.32 35.37
N GLN B 47 1.72 -21.42 34.70
CA GLN B 47 0.79 -20.31 34.64
C GLN B 47 -0.61 -20.86 34.84
N GLU B 48 -1.37 -20.24 35.73
CA GLU B 48 -2.69 -20.73 36.04
C GLU B 48 -3.78 -19.76 35.60
N VAL B 49 -4.80 -20.31 34.96
CA VAL B 49 -5.91 -19.49 34.49
C VAL B 49 -7.08 -19.64 35.46
N TYR B 50 -7.60 -18.50 35.92
CA TYR B 50 -8.74 -18.48 36.83
C TYR B 50 -9.91 -17.80 36.16
N ARG B 51 -11.11 -18.28 36.47
CA ARG B 51 -12.32 -17.71 35.90
C ARG B 51 -13.37 -17.60 36.99
N GLY B 52 -14.20 -16.57 36.87
CA GLY B 52 -15.25 -16.38 37.85
C GLY B 52 -16.46 -15.79 37.16
N THR B 53 -17.63 -16.01 37.75
CA THR B 53 -18.85 -15.44 37.20
C THR B 53 -18.98 -14.03 37.70
N THR B 54 -18.21 -13.70 38.75
CA THR B 54 -18.20 -12.37 39.33
C THR B 54 -16.79 -11.81 39.22
N SER B 55 -16.65 -10.52 39.51
CA SER B 55 -15.36 -9.84 39.44
C SER B 55 -14.59 -9.96 40.75
N ASN B 56 -15.14 -10.72 41.70
CA ASN B 56 -14.49 -10.89 42.99
C ASN B 56 -13.36 -11.93 42.92
N PRO B 57 -12.10 -11.47 43.05
CA PRO B 57 -10.95 -12.38 42.98
C PRO B 57 -11.01 -13.51 44.00
N ASP B 58 -11.67 -13.28 45.13
CA ASP B 58 -11.78 -14.30 46.16
C ASP B 58 -12.65 -15.48 45.75
N LEU B 59 -13.51 -15.28 44.75
CA LEU B 59 -14.42 -16.34 44.31
C LEU B 59 -14.03 -17.01 43.00
N ARG B 60 -12.90 -16.60 42.43
CA ARG B 60 -12.45 -17.18 41.17
C ARG B 60 -12.08 -18.66 41.34
N GLU B 61 -12.19 -19.43 40.27
CA GLU B 61 -11.86 -20.85 40.27
C GLU B 61 -10.86 -21.16 39.17
N ARG B 62 -9.94 -22.07 39.44
CA ARG B 62 -8.94 -22.43 38.45
C ARG B 62 -9.54 -23.27 37.34
N ILE B 63 -9.27 -22.90 36.08
CA ILE B 63 -9.80 -23.67 34.97
C ILE B 63 -8.70 -24.28 34.12
N ALA B 64 -7.44 -23.89 34.39
CA ALA B 64 -6.32 -24.47 33.65
C ALA B 64 -4.97 -24.23 34.30
N VAL B 65 -4.07 -25.20 34.15
CA VAL B 65 -2.70 -25.08 34.61
C VAL B 65 -1.93 -25.23 33.32
N LEU B 66 -1.20 -24.20 32.95
CA LEU B 66 -0.47 -24.18 31.70
C LEU B 66 1.04 -24.21 31.89
N ASP B 67 1.75 -24.53 30.82
CA ASP B 67 3.20 -24.56 30.88
C ASP B 67 3.73 -23.13 30.98
N ALA B 68 5.05 -22.99 31.09
CA ALA B 68 5.68 -21.68 31.25
C ALA B 68 5.91 -20.90 29.96
N GLU B 69 5.69 -21.55 28.83
CA GLU B 69 5.96 -20.93 27.55
C GLU B 69 4.79 -20.23 26.86
N THR B 70 3.59 -20.75 27.03
CA THR B 70 2.45 -20.14 26.36
C THR B 70 2.11 -18.77 26.89
N ARG B 71 1.52 -17.94 26.04
CA ARG B 71 1.09 -16.61 26.45
C ARG B 71 -0.37 -16.37 26.02
N THR B 72 -1.05 -17.45 25.63
CA THR B 72 -2.46 -17.36 25.23
C THR B 72 -3.24 -18.55 25.77
N PHE B 73 -4.55 -18.39 25.82
CA PHE B 73 -5.43 -19.45 26.29
C PHE B 73 -6.79 -19.28 25.66
N LYS B 74 -7.43 -20.40 25.33
CA LYS B 74 -8.75 -20.40 24.73
C LYS B 74 -9.78 -21.03 25.69
N ASP B 75 -10.85 -20.29 25.99
CA ASP B 75 -11.92 -20.82 26.82
C ASP B 75 -13.17 -20.91 25.95
N ALA B 76 -13.53 -22.12 25.54
CA ALA B 76 -14.70 -22.32 24.71
C ALA B 76 -15.87 -22.85 25.53
N ASP B 77 -15.70 -22.91 26.85
CA ASP B 77 -16.74 -23.39 27.76
C ASP B 77 -17.64 -22.20 28.09
N THR B 78 -18.27 -21.64 27.07
CA THR B 78 -19.11 -20.46 27.23
C THR B 78 -20.54 -20.62 26.72
N ASN B 79 -20.98 -21.85 26.52
CA ASN B 79 -22.33 -22.08 26.01
C ASN B 79 -23.43 -21.48 26.88
N SER B 80 -23.08 -21.08 28.09
CA SER B 80 -24.03 -20.47 29.01
C SER B 80 -24.44 -19.10 28.50
N GLY B 81 -23.55 -18.47 27.73
CA GLY B 81 -23.82 -17.15 27.19
C GLY B 81 -23.59 -16.05 28.22
N LEU B 82 -23.02 -16.42 29.36
CA LEU B 82 -22.77 -15.47 30.43
C LEU B 82 -21.45 -14.74 30.29
N ASN B 83 -21.33 -13.63 31.01
CA ASN B 83 -20.09 -12.88 31.02
C ASN B 83 -19.22 -13.56 32.07
N TYR B 84 -17.92 -13.58 31.84
CA TYR B 84 -17.00 -14.17 32.80
C TYR B 84 -15.85 -13.20 33.06
N TRP B 85 -15.19 -13.41 34.19
CA TRP B 85 -14.02 -12.62 34.58
C TRP B 85 -12.85 -13.60 34.60
N TYR B 86 -11.69 -13.14 34.17
CA TYR B 86 -10.51 -14.00 34.14
C TYR B 86 -9.29 -13.35 34.74
N TRP B 87 -8.40 -14.20 35.25
CA TRP B 87 -7.12 -13.79 35.81
C TRP B 87 -6.12 -14.84 35.37
N VAL B 88 -4.87 -14.43 35.18
CA VAL B 88 -3.82 -15.37 34.88
C VAL B 88 -2.78 -15.14 35.96
N ASP B 89 -2.39 -16.22 36.63
CA ASP B 89 -1.38 -16.16 37.67
C ASP B 89 -0.12 -16.77 37.10
N VAL B 90 0.94 -15.95 36.99
CA VAL B 90 2.22 -16.43 36.50
C VAL B 90 2.99 -16.84 37.76
N VAL B 91 3.31 -18.14 37.86
CA VAL B 91 4.00 -18.67 39.02
C VAL B 91 5.47 -18.89 38.72
N SER B 92 6.33 -18.28 39.54
CA SER B 92 7.76 -18.42 39.32
C SER B 92 8.26 -19.70 39.98
N GLU B 93 9.54 -20.01 39.74
CA GLU B 93 10.14 -21.18 40.34
C GLU B 93 10.24 -20.99 41.85
N ASN B 94 10.23 -19.72 42.30
CA ASN B 94 10.36 -19.39 43.71
C ASN B 94 9.13 -18.80 44.42
N GLN B 95 8.00 -19.49 44.27
CA GLN B 95 6.74 -19.12 44.93
C GLN B 95 6.15 -17.74 44.68
N ALA B 96 6.63 -17.04 43.66
CA ALA B 96 6.06 -15.73 43.38
C ALA B 96 4.75 -16.01 42.65
N GLN B 97 3.70 -15.31 43.05
CA GLN B 97 2.39 -15.43 42.44
C GLN B 97 2.15 -14.09 41.77
N VAL B 98 2.48 -14.00 40.49
CA VAL B 98 2.34 -12.76 39.75
C VAL B 98 0.98 -12.73 39.07
N VAL B 99 0.00 -12.22 39.82
CA VAL B 99 -1.39 -12.15 39.38
C VAL B 99 -1.66 -10.99 38.44
N SER B 100 -2.30 -11.29 37.32
CA SER B 100 -2.63 -10.28 36.33
C SER B 100 -3.83 -9.45 36.74
N ASN B 101 -4.08 -8.42 35.96
CA ASN B 101 -5.25 -7.58 36.13
C ASN B 101 -6.40 -8.49 35.70
N ALA B 102 -7.60 -8.22 36.19
CA ALA B 102 -8.75 -9.03 35.80
C ALA B 102 -9.29 -8.47 34.49
N VAL B 103 -9.83 -9.36 33.66
CA VAL B 103 -10.44 -8.94 32.40
C VAL B 103 -11.82 -9.58 32.34
N THR B 104 -12.72 -8.99 31.57
CA THR B 104 -14.06 -9.54 31.45
C THR B 104 -14.67 -9.26 30.09
N THR B 105 -15.71 -10.01 29.75
CA THR B 105 -16.40 -9.84 28.49
C THR B 105 -17.55 -8.86 28.66
N ALA B 106 -17.87 -8.54 29.91
CA ALA B 106 -18.95 -7.62 30.23
C ALA B 106 -18.67 -6.20 29.74
N PRO B 107 -19.69 -5.54 29.15
CA PRO B 107 -19.55 -4.18 28.63
C PRO B 107 -19.23 -3.18 29.75
N SER B 119 -1.82 7.93 25.52
CA SER B 119 -0.45 7.50 25.90
C SER B 119 0.51 7.65 24.72
N GLU B 120 1.62 6.94 24.77
CA GLU B 120 2.61 6.97 23.72
C GLU B 120 2.16 6.09 22.56
N CYS B 121 1.28 5.14 22.85
CA CYS B 121 0.80 4.23 21.83
C CYS B 121 -0.38 4.85 21.09
N LYS B 122 -0.06 5.43 19.94
CA LYS B 122 -1.06 6.05 19.08
C LYS B 122 -0.63 5.82 17.63
N PRO B 123 -1.58 5.81 16.71
CA PRO B 123 -1.23 5.58 15.30
C PRO B 123 -0.12 6.49 14.80
N GLY B 124 0.81 5.90 14.05
CA GLY B 124 1.91 6.65 13.48
C GLY B 124 3.16 6.74 14.34
N ALA B 125 3.08 6.24 15.57
CA ALA B 125 4.23 6.30 16.46
C ALA B 125 5.36 5.38 16.05
N THR B 126 6.58 5.87 16.23
CA THR B 126 7.78 5.09 15.95
C THR B 126 8.51 4.93 17.29
N PHE B 127 8.77 3.69 17.67
CA PHE B 127 9.50 3.38 18.90
C PHE B 127 10.85 2.86 18.47
N GLU B 128 11.90 3.44 19.01
CA GLU B 128 13.24 3.02 18.66
C GLU B 128 14.13 2.84 19.88
N ASN B 129 14.81 1.70 19.95
CA ASN B 129 15.72 1.39 21.05
C ASN B 129 15.11 1.44 22.43
N ARG B 130 13.91 0.93 22.55
CA ARG B 130 13.24 0.89 23.83
C ARG B 130 12.06 -0.07 23.82
N THR B 131 11.51 -0.28 25.00
CA THR B 131 10.37 -1.15 25.19
C THR B 131 9.21 -0.28 25.65
N VAL B 132 8.06 -0.43 24.98
CA VAL B 132 6.87 0.34 25.33
C VAL B 132 5.74 -0.60 25.71
N ASP B 133 5.19 -0.41 26.90
CA ASP B 133 4.07 -1.21 27.38
C ASP B 133 2.83 -0.34 27.15
N CYS B 134 1.96 -0.77 26.24
CA CYS B 134 0.76 -0.02 25.89
C CYS B 134 -0.41 -0.17 26.84
N GLY B 135 -0.21 -0.96 27.89
CA GLY B 135 -1.23 -1.14 28.91
C GLY B 135 -2.58 -1.66 28.50
N GLY B 136 -2.64 -2.35 27.36
CA GLY B 136 -3.89 -2.92 26.91
C GLY B 136 -4.81 -1.98 26.17
N VAL B 137 -4.33 -0.78 25.82
CA VAL B 137 -5.19 0.16 25.10
C VAL B 137 -5.42 -0.26 23.65
N THR B 138 -6.43 0.34 23.04
CA THR B 138 -6.77 0.07 21.65
C THR B 138 -6.39 1.24 20.77
N ILE B 139 -5.84 0.94 19.60
CA ILE B 139 -5.52 1.97 18.63
C ILE B 139 -6.02 1.51 17.27
N GLY B 140 -6.13 2.45 16.36
CA GLY B 140 -6.58 2.11 15.02
C GLY B 140 -6.88 3.36 14.22
N THR B 141 -6.85 3.23 12.90
CA THR B 141 -7.15 4.35 12.03
C THR B 141 -8.28 3.94 11.09
N SER B 142 -7.94 3.27 9.99
CA SER B 142 -8.97 2.85 9.05
C SER B 142 -8.57 1.59 8.30
N CYS B 143 -9.47 1.13 7.43
CA CYS B 143 -9.25 -0.03 6.59
C CYS B 143 -10.36 0.04 5.56
N PRO B 144 -10.23 0.99 4.63
CA PRO B 144 -11.21 1.22 3.56
C PRO B 144 -11.32 0.19 2.46
N ASN B 145 -12.49 0.20 1.82
CA ASN B 145 -12.80 -0.67 0.70
C ASN B 145 -12.48 0.17 -0.54
N ASP B 146 -11.24 0.64 -0.61
CA ASP B 146 -10.75 1.43 -1.74
C ASP B 146 -9.26 1.18 -1.86
N SER B 147 -8.61 1.86 -2.80
CA SER B 147 -7.19 1.66 -3.03
C SER B 147 -6.21 2.56 -2.27
N ASP B 148 -6.68 3.31 -1.28
CA ASP B 148 -5.78 4.18 -0.51
C ASP B 148 -4.70 3.31 0.12
N LYS B 149 -3.43 3.63 -0.13
CA LYS B 149 -2.34 2.86 0.45
C LYS B 149 -2.35 3.01 1.97
N GLN B 150 -2.37 1.87 2.66
CA GLN B 150 -2.40 1.88 4.11
C GLN B 150 -1.01 2.02 4.71
N LYS B 151 -0.94 2.76 5.81
CA LYS B 151 0.31 3.00 6.53
C LYS B 151 0.33 2.19 7.83
N PRO B 152 1.53 1.85 8.32
CA PRO B 152 1.59 1.09 9.56
C PRO B 152 1.09 1.93 10.74
N LEU B 153 0.49 1.26 11.71
CA LEU B 153 0.00 1.93 12.91
C LEU B 153 1.16 2.21 13.87
N ILE B 154 2.11 1.29 13.91
CA ILE B 154 3.28 1.42 14.79
C ILE B 154 4.50 0.99 13.99
N ILE B 155 5.59 1.73 14.14
CA ILE B 155 6.85 1.40 13.49
C ILE B 155 7.86 1.14 14.59
N LEU B 156 8.48 -0.04 14.56
CA LEU B 156 9.49 -0.41 15.55
C LEU B 156 10.86 -0.47 14.91
N LYS B 157 11.86 0.05 15.62
CA LYS B 157 13.25 0.02 15.18
C LYS B 157 14.05 -0.41 16.40
N ASN B 158 14.49 -1.67 16.41
CA ASN B 158 15.22 -2.22 17.55
C ASN B 158 14.39 -1.91 18.80
N ALA B 159 13.09 -2.19 18.73
CA ALA B 159 12.19 -1.90 19.84
C ALA B 159 11.18 -3.00 20.08
N THR B 160 10.52 -2.91 21.22
CA THR B 160 9.52 -3.87 21.63
C THR B 160 8.25 -3.14 22.01
N VAL B 161 7.11 -3.68 21.58
CA VAL B 161 5.83 -3.12 21.95
C VAL B 161 5.03 -4.27 22.57
N LYS B 162 4.32 -4.00 23.66
CA LYS B 162 3.54 -5.05 24.31
C LYS B 162 2.18 -4.56 24.81
N ASN B 163 1.25 -5.50 24.90
CA ASN B 163 -0.11 -5.24 25.41
C ASN B 163 -0.85 -4.16 24.63
N LEU B 164 -1.15 -4.45 23.37
CA LEU B 164 -1.81 -3.49 22.50
C LEU B 164 -2.91 -4.17 21.69
N ARG B 165 -4.04 -3.49 21.53
CA ARG B 165 -5.14 -4.02 20.74
C ARG B 165 -5.33 -3.12 19.51
N ILE B 166 -5.47 -3.74 18.36
CA ILE B 166 -5.69 -3.00 17.12
C ILE B 166 -7.16 -3.20 16.76
N SER B 167 -7.86 -2.08 16.61
CA SER B 167 -9.29 -2.12 16.34
C SER B 167 -9.67 -2.84 15.06
N ALA B 168 -10.88 -3.42 15.06
CA ALA B 168 -11.36 -4.17 13.90
C ALA B 168 -11.51 -3.33 12.64
N SER B 169 -11.90 -2.06 12.80
CA SER B 169 -12.10 -1.19 11.66
C SER B 169 -10.91 -0.29 11.35
N GLY B 170 -9.79 -0.48 12.04
CA GLY B 170 -8.67 0.40 11.76
C GLY B 170 -7.29 -0.22 11.74
N GLY B 171 -7.21 -1.45 11.25
CA GLY B 171 -5.94 -2.15 11.20
C GLY B 171 -4.89 -1.63 10.25
N ALA B 172 -5.29 -0.81 9.28
CA ALA B 172 -4.37 -0.22 8.31
C ALA B 172 -3.28 -1.20 7.88
N ASP B 173 -2.01 -0.81 8.02
CA ASP B 173 -0.94 -1.73 7.62
C ASP B 173 -0.19 -2.36 8.78
N GLY B 174 -0.91 -2.59 9.87
CA GLY B 174 -0.35 -3.25 11.03
C GLY B 174 0.87 -2.63 11.69
N ILE B 175 1.79 -3.49 12.11
CA ILE B 175 3.00 -3.09 12.81
C ILE B 175 4.24 -3.42 12.00
N HIS B 176 5.07 -2.43 11.76
CA HIS B 176 6.31 -2.64 11.01
C HIS B 176 7.52 -2.76 11.92
N CYS B 177 8.42 -3.68 11.57
CA CYS B 177 9.70 -3.78 12.24
C CYS B 177 10.60 -3.29 11.11
N ASP B 178 11.04 -2.03 11.19
CA ASP B 178 11.81 -1.46 10.10
C ASP B 178 13.31 -1.42 10.22
N SER B 179 13.83 -1.97 11.32
CA SER B 179 15.28 -2.04 11.51
C SER B 179 15.57 -2.79 12.79
N GLY B 180 16.69 -3.50 12.80
CA GLY B 180 17.11 -4.22 13.99
C GLY B 180 16.18 -5.33 14.43
N ASN B 181 16.25 -5.64 15.72
CA ASN B 181 15.43 -6.70 16.30
C ASN B 181 14.22 -6.11 17.00
N CYS B 182 13.04 -6.58 16.61
CA CYS B 182 11.83 -6.06 17.20
C CYS B 182 11.00 -7.18 17.81
N THR B 183 10.29 -6.87 18.88
CA THR B 183 9.44 -7.85 19.52
C THR B 183 8.03 -7.27 19.63
N ILE B 184 7.05 -8.06 19.22
CA ILE B 184 5.63 -7.68 19.24
C ILE B 184 5.05 -8.70 20.21
N GLU B 185 4.80 -8.25 21.42
CA GLU B 185 4.41 -9.10 22.53
C GLU B 185 2.99 -8.84 23.04
N ASN B 186 2.17 -9.87 22.98
CA ASN B 186 0.77 -9.77 23.40
C ASN B 186 0.00 -8.66 22.69
N VAL B 187 -0.04 -8.74 21.37
CA VAL B 187 -0.81 -7.78 20.59
C VAL B 187 -2.02 -8.53 20.07
N ILE B 188 -3.15 -7.84 20.05
CA ILE B 188 -4.39 -8.44 19.58
C ILE B 188 -4.91 -7.66 18.39
N TRP B 189 -5.08 -8.35 17.26
CA TRP B 189 -5.62 -7.72 16.05
C TRP B 189 -7.07 -8.17 15.96
N GLU B 190 -8.02 -7.26 16.18
CA GLU B 190 -9.43 -7.60 16.14
C GLU B 190 -9.92 -8.00 14.74
N ASP B 191 -9.28 -7.48 13.70
CA ASP B 191 -9.59 -7.83 12.31
C ASP B 191 -8.44 -7.30 11.47
N ILE B 192 -7.54 -8.18 11.08
CA ILE B 192 -6.38 -7.79 10.29
C ILE B 192 -6.84 -7.04 9.05
N CYS B 193 -6.19 -5.91 8.77
CA CYS B 193 -6.52 -5.15 7.57
C CYS B 193 -5.61 -5.68 6.46
N GLU B 194 -4.53 -4.97 6.13
CA GLU B 194 -3.64 -5.44 5.07
C GLU B 194 -2.93 -6.73 5.49
N ASP B 195 -2.34 -6.66 6.68
CA ASP B 195 -1.62 -7.76 7.30
C ASP B 195 -1.39 -7.35 8.76
N ALA B 196 -0.89 -8.27 9.57
CA ALA B 196 -0.71 -7.98 10.99
C ALA B 196 0.62 -7.31 11.35
N ALA B 197 1.71 -7.90 10.87
CA ALA B 197 3.03 -7.36 11.16
C ALA B 197 3.95 -7.64 9.98
N THR B 198 4.96 -6.80 9.83
CA THR B 198 5.87 -6.91 8.70
C THR B 198 7.32 -6.81 9.10
N ASN B 199 8.11 -7.79 8.67
CA ASN B 199 9.54 -7.78 8.98
C ASN B 199 10.32 -7.09 7.87
N ASN B 200 10.70 -5.84 8.12
CA ASN B 200 11.53 -5.04 7.22
C ASN B 200 12.83 -4.81 7.99
N GLY B 201 13.09 -5.65 9.00
CA GLY B 201 14.28 -5.48 9.81
C GLY B 201 15.18 -6.70 9.87
N LYS B 202 15.73 -6.97 11.05
CA LYS B 202 16.62 -8.12 11.23
C LYS B 202 15.84 -9.31 11.78
N THR B 203 15.44 -9.26 13.05
CA THR B 203 14.67 -10.36 13.62
C THR B 203 13.38 -9.80 14.23
N MET B 204 12.24 -10.25 13.72
CA MET B 204 10.95 -9.82 14.24
C MET B 204 10.35 -11.00 15.01
N THR B 205 10.15 -10.81 16.31
CA THR B 205 9.62 -11.87 17.14
C THR B 205 8.21 -11.57 17.63
N ILE B 206 7.30 -12.51 17.37
CA ILE B 206 5.91 -12.41 17.80
C ILE B 206 5.84 -13.31 19.05
N VAL B 207 5.48 -12.73 20.19
CA VAL B 207 5.39 -13.48 21.43
C VAL B 207 3.94 -13.48 21.89
N GLY B 208 3.26 -14.58 21.63
CA GLY B 208 1.85 -14.66 21.97
C GLY B 208 1.06 -13.75 21.05
N GLY B 209 -0.07 -13.27 21.53
CA GLY B 209 -0.90 -12.42 20.70
C GLY B 209 -2.03 -13.23 20.07
N ILE B 210 -3.05 -12.51 19.61
CA ILE B 210 -4.23 -13.11 18.99
C ILE B 210 -4.56 -12.29 17.76
N ALA B 211 -4.64 -12.93 16.59
CA ALA B 211 -4.94 -12.22 15.36
C ALA B 211 -6.15 -12.84 14.67
N HIS B 212 -7.18 -12.02 14.48
CA HIS B 212 -8.41 -12.45 13.86
C HIS B 212 -8.53 -11.94 12.44
N ASN B 213 -9.18 -12.71 11.58
CA ASN B 213 -9.46 -12.27 10.23
C ASN B 213 -10.72 -12.99 9.80
N ALA B 214 -11.42 -12.43 8.82
CA ALA B 214 -12.67 -13.01 8.37
C ALA B 214 -12.88 -12.78 6.88
N LYS B 215 -13.62 -13.68 6.23
CA LYS B 215 -13.87 -13.53 4.80
C LYS B 215 -14.72 -12.29 4.52
N ASP B 216 -15.59 -11.94 5.45
CA ASP B 216 -16.45 -10.77 5.26
C ASP B 216 -15.98 -9.58 6.09
N GLY B 217 -14.71 -9.61 6.49
CA GLY B 217 -14.22 -8.52 7.32
C GLY B 217 -13.59 -7.36 6.60
N TYR B 218 -13.10 -6.42 7.41
CA TYR B 218 -12.44 -5.23 6.90
C TYR B 218 -11.18 -5.66 6.16
N GLY B 219 -10.94 -5.07 4.99
CA GLY B 219 -9.75 -5.41 4.24
C GLY B 219 -9.90 -6.44 3.13
N GLY B 220 -11.08 -7.03 2.99
CA GLY B 220 -11.27 -8.00 1.92
C GLY B 220 -10.83 -9.41 2.23
N LYS B 221 -10.62 -10.19 1.17
CA LYS B 221 -10.23 -11.60 1.31
C LYS B 221 -8.97 -11.74 2.18
N PRO B 222 -9.07 -12.54 3.25
CA PRO B 222 -7.92 -12.74 4.15
C PRO B 222 -6.66 -13.13 3.37
N ASP B 223 -5.56 -12.50 3.71
CA ASP B 223 -4.30 -12.76 3.04
C ASP B 223 -3.24 -13.06 4.09
N LYS B 224 -2.11 -12.37 4.04
CA LYS B 224 -1.04 -12.63 4.99
C LYS B 224 -1.24 -12.08 6.39
N VAL B 225 -0.71 -12.81 7.38
CA VAL B 225 -0.72 -12.34 8.75
C VAL B 225 0.65 -11.68 8.90
N LEU B 226 1.71 -12.45 8.66
CA LEU B 226 3.07 -11.91 8.76
C LEU B 226 3.75 -11.77 7.41
N GLN B 227 4.12 -10.54 7.08
CA GLN B 227 4.82 -10.22 5.84
C GLN B 227 6.30 -10.17 6.17
N HIS B 228 7.14 -10.46 5.20
CA HIS B 228 8.58 -10.46 5.45
C HIS B 228 9.28 -10.02 4.15
N ASN B 229 9.79 -8.79 4.17
CA ASN B 229 10.44 -8.18 3.02
C ASN B 229 11.96 -8.06 3.11
N SER B 230 12.51 -7.87 4.29
CA SER B 230 13.95 -7.76 4.41
C SER B 230 14.60 -9.12 4.12
N LYS B 231 15.92 -9.11 3.91
CA LYS B 231 16.66 -10.34 3.61
C LYS B 231 17.68 -10.60 4.72
N ASN B 232 18.16 -11.84 4.83
CA ASN B 232 19.11 -12.23 5.87
C ASN B 232 18.47 -11.83 7.19
N SER B 233 17.20 -12.17 7.30
CA SER B 233 16.40 -11.82 8.46
C SER B 233 15.47 -12.96 8.82
N THR B 234 14.99 -12.93 10.06
CA THR B 234 14.15 -14.00 10.58
C THR B 234 12.91 -13.50 11.29
N THR B 235 11.80 -14.20 11.08
CA THR B 235 10.56 -13.90 11.79
C THR B 235 10.40 -15.10 12.72
N VAL B 236 10.23 -14.82 14.00
CA VAL B 236 10.09 -15.84 15.04
C VAL B 236 8.69 -15.78 15.61
N VAL B 237 8.03 -16.93 15.74
CA VAL B 237 6.68 -16.99 16.29
C VAL B 237 6.69 -17.96 17.48
N LYS B 238 6.40 -17.43 18.66
CA LYS B 238 6.39 -18.26 19.87
C LYS B 238 5.32 -17.78 20.83
N GLY B 239 5.25 -18.41 22.01
CA GLY B 239 4.26 -18.00 22.99
C GLY B 239 2.84 -18.35 22.62
N ASN B 240 2.69 -19.24 21.66
CA ASN B 240 1.38 -19.69 21.20
C ASN B 240 0.52 -18.60 20.56
N PHE B 241 1.16 -17.83 19.68
CA PHE B 241 0.47 -16.80 18.89
C PHE B 241 -0.71 -17.55 18.29
N THR B 242 -1.90 -16.97 18.40
CA THR B 242 -3.12 -17.62 17.95
C THR B 242 -3.89 -16.89 16.86
N LEU B 243 -4.30 -17.64 15.84
CA LEU B 243 -5.08 -17.09 14.74
C LEU B 243 -6.51 -17.57 14.90
N THR B 244 -7.46 -16.64 14.78
CA THR B 244 -8.86 -17.00 14.88
C THR B 244 -9.55 -16.53 13.60
N GLY B 245 -10.68 -17.17 13.29
CA GLY B 245 -11.40 -16.79 12.09
C GLY B 245 -10.92 -17.49 10.84
N GLU B 246 -10.92 -16.77 9.73
CA GLU B 246 -10.49 -17.31 8.45
C GLU B 246 -9.28 -16.51 7.99
N HIS B 247 -8.19 -17.22 7.71
CA HIS B 247 -6.93 -16.59 7.30
C HIS B 247 -6.39 -17.03 5.95
N GLY B 248 -5.47 -16.23 5.41
CA GLY B 248 -4.82 -16.56 4.16
C GLY B 248 -3.59 -17.39 4.45
N LYS B 249 -2.52 -16.74 4.90
CA LYS B 249 -1.27 -17.45 5.24
C LYS B 249 -0.69 -16.85 6.51
N LEU B 250 -0.05 -17.67 7.33
CA LEU B 250 0.56 -17.17 8.56
C LEU B 250 1.80 -16.32 8.23
N TRP B 251 2.64 -16.83 7.34
CA TRP B 251 3.87 -16.12 6.97
C TRP B 251 4.22 -16.38 5.52
N ARG B 252 4.64 -15.34 4.82
CA ARG B 252 5.04 -15.47 3.44
C ARG B 252 6.25 -14.63 3.15
N SER B 253 7.31 -15.27 2.65
CA SER B 253 8.50 -14.55 2.25
C SER B 253 8.02 -13.83 0.97
N CYS B 254 8.25 -12.52 0.89
CA CYS B 254 7.79 -11.75 -0.26
C CYS B 254 8.09 -12.44 -1.59
N GLY B 255 7.04 -12.74 -2.35
CA GLY B 255 7.25 -13.46 -3.59
C GLY B 255 7.70 -12.67 -4.81
N ASP B 256 7.31 -11.41 -4.92
CA ASP B 256 7.67 -10.62 -6.10
C ASP B 256 8.07 -9.18 -5.83
N CYS B 257 8.77 -8.98 -4.73
CA CYS B 257 9.25 -7.68 -4.26
C CYS B 257 10.23 -6.99 -5.20
N SER B 258 10.25 -5.67 -5.14
CA SER B 258 11.20 -4.91 -5.92
C SER B 258 12.53 -5.34 -5.28
N ASN B 259 13.55 -5.56 -6.09
CA ASN B 259 14.85 -5.97 -5.57
C ASN B 259 14.72 -7.20 -4.66
N ASN B 260 13.85 -8.14 -5.04
CA ASN B 260 13.62 -9.34 -4.25
C ASN B 260 14.90 -10.17 -4.11
N GLY B 261 14.90 -11.07 -3.14
CA GLY B 261 16.05 -11.91 -2.89
C GLY B 261 15.84 -12.63 -1.58
N GLY B 262 16.91 -13.17 -1.02
CA GLY B 262 16.81 -13.89 0.23
C GLY B 262 18.20 -14.01 0.82
N PRO B 263 18.39 -14.87 1.82
CA PRO B 263 17.36 -15.73 2.41
C PRO B 263 16.48 -15.07 3.46
N ARG B 264 15.26 -15.57 3.57
CA ARG B 264 14.33 -15.11 4.59
C ARG B 264 14.00 -16.35 5.41
N PHE B 265 14.02 -16.20 6.73
CA PHE B 265 13.77 -17.33 7.62
C PHE B 265 12.55 -17.19 8.51
N LEU B 266 11.88 -18.32 8.75
CA LEU B 266 10.74 -18.37 9.65
C LEU B 266 11.07 -19.41 10.72
N THR B 267 10.87 -19.04 11.99
CA THR B 267 11.09 -19.96 13.09
C THR B 267 9.80 -19.97 13.91
N VAL B 268 9.07 -21.07 13.86
CA VAL B 268 7.84 -21.20 14.64
C VAL B 268 8.10 -22.25 15.70
N THR B 269 7.88 -21.91 16.97
CA THR B 269 8.06 -22.86 18.05
C THR B 269 6.75 -23.13 18.78
N SER B 270 5.78 -22.23 18.61
CA SER B 270 4.49 -22.41 19.24
C SER B 270 3.46 -21.47 18.65
N ALA B 271 2.43 -22.02 18.02
CA ALA B 271 1.37 -21.24 17.42
C ALA B 271 0.13 -22.11 17.25
N THR B 272 -1.02 -21.46 17.24
CA THR B 272 -2.29 -22.16 17.08
C THR B 272 -3.17 -21.49 16.03
N VAL B 273 -3.78 -22.32 15.18
CA VAL B 273 -4.70 -21.81 14.18
C VAL B 273 -6.04 -22.39 14.60
N ASN B 274 -6.91 -21.55 15.13
N ASN B 274 -6.90 -21.55 15.16
CA ASN B 274 -8.21 -22.01 15.61
CA ASN B 274 -8.23 -21.98 15.59
C ASN B 274 -9.32 -22.04 14.56
C ASN B 274 -9.23 -21.39 14.60
N GLY B 275 -9.08 -21.43 13.42
N GLY B 275 -9.28 -22.00 13.43
CA GLY B 275 -10.07 -21.42 12.35
CA GLY B 275 -10.16 -21.56 12.36
C GLY B 275 -9.53 -22.07 11.09
C GLY B 275 -9.65 -22.17 11.07
N THR B 276 -9.87 -21.49 9.95
CA THR B 276 -9.42 -22.01 8.67
C THR B 276 -8.28 -21.15 8.15
N ILE B 277 -7.44 -21.72 7.29
CA ILE B 277 -6.32 -20.99 6.73
C ILE B 277 -5.94 -21.69 5.43
N ASP B 278 -5.49 -20.93 4.43
CA ASP B 278 -5.13 -21.53 3.15
C ASP B 278 -3.81 -22.30 3.24
N SER B 279 -2.86 -21.78 3.99
CA SER B 279 -1.58 -22.43 4.19
C SER B 279 -0.84 -21.72 5.33
N ILE B 280 0.17 -22.39 5.88
CA ILE B 280 0.90 -21.80 7.00
C ILE B 280 2.07 -20.94 6.56
N ALA B 281 3.02 -21.54 5.84
CA ALA B 281 4.21 -20.83 5.42
C ALA B 281 4.53 -21.00 3.94
N GLY B 282 5.07 -19.95 3.32
CA GLY B 282 5.47 -19.98 1.93
C GLY B 282 6.91 -19.49 1.80
N VAL B 283 7.80 -20.37 1.37
CA VAL B 283 9.21 -20.02 1.20
C VAL B 283 9.63 -19.94 -0.26
N ASN B 284 10.57 -19.04 -0.58
CA ASN B 284 11.10 -18.95 -1.95
C ASN B 284 12.35 -19.81 -1.89
N ARG B 285 12.21 -21.06 -2.30
CA ARG B 285 13.35 -21.97 -2.21
C ARG B 285 14.55 -21.55 -3.05
N ASN B 286 14.30 -20.86 -4.15
CA ASN B 286 15.39 -20.41 -5.01
C ASN B 286 16.23 -19.31 -4.39
N TYR B 287 15.75 -18.70 -3.32
CA TYR B 287 16.49 -17.65 -2.65
C TYR B 287 17.07 -18.12 -1.31
N GLY B 288 16.98 -19.41 -1.03
CA GLY B 288 17.52 -19.95 0.19
C GLY B 288 16.67 -19.82 1.45
N ASP B 289 15.42 -19.45 1.29
CA ASP B 289 14.52 -19.30 2.43
C ASP B 289 14.37 -20.63 3.18
N VAL B 290 14.23 -20.56 4.50
CA VAL B 290 14.02 -21.77 5.28
C VAL B 290 13.02 -21.53 6.39
N ALA B 291 11.99 -22.37 6.42
CA ALA B 291 10.97 -22.30 7.46
C ALA B 291 11.20 -23.48 8.39
N THR B 292 11.47 -23.20 9.66
CA THR B 292 11.70 -24.23 10.66
C THR B 292 10.48 -24.17 11.57
N ILE B 293 9.71 -25.25 11.61
CA ILE B 293 8.45 -25.25 12.35
C ILE B 293 8.20 -26.44 13.27
N SER B 294 7.67 -26.15 14.45
CA SER B 294 7.27 -27.18 15.41
C SER B 294 6.32 -26.50 16.40
N GLY B 295 5.61 -27.30 17.18
CA GLY B 295 4.68 -26.72 18.15
C GLY B 295 3.46 -26.05 17.53
N LEU B 296 3.12 -26.44 16.31
CA LEU B 296 1.98 -25.87 15.61
C LEU B 296 0.73 -26.70 15.83
N LYS B 297 -0.33 -26.05 16.28
CA LYS B 297 -1.60 -26.71 16.53
C LYS B 297 -2.65 -26.11 15.59
N ILE B 298 -3.41 -26.97 14.91
CA ILE B 298 -4.41 -26.50 13.96
C ILE B 298 -5.75 -27.19 14.15
N LYS B 299 -6.82 -26.41 14.20
CA LYS B 299 -8.15 -26.96 14.37
C LYS B 299 -8.47 -27.96 13.28
N ASN B 300 -8.94 -29.15 13.69
CA ASN B 300 -9.29 -30.21 12.76
C ASN B 300 -8.21 -30.53 11.74
N TYR B 301 -6.95 -30.44 12.15
CA TYR B 301 -5.85 -30.70 11.24
C TYR B 301 -5.86 -32.08 10.60
N LYS B 302 -5.55 -32.09 9.30
CA LYS B 302 -5.43 -33.30 8.49
C LYS B 302 -4.36 -32.93 7.47
N GLU B 303 -3.50 -33.88 7.11
CA GLU B 303 -2.44 -33.57 6.15
C GLU B 303 -3.01 -32.97 4.87
N GLY B 304 -2.48 -31.82 4.48
CA GLY B 304 -2.94 -31.14 3.28
C GLY B 304 -4.14 -30.24 3.53
N LYS B 305 -4.66 -30.28 4.76
CA LYS B 305 -5.84 -29.49 5.10
C LYS B 305 -5.62 -28.84 6.48
N PRO B 306 -4.88 -27.72 6.52
CA PRO B 306 -4.24 -27.02 5.41
C PRO B 306 -2.81 -27.46 5.17
N PRO B 307 -2.23 -27.06 4.03
CA PRO B 307 -0.84 -27.42 3.74
C PRO B 307 -0.06 -26.59 4.76
N VAL B 308 1.05 -27.10 5.26
CA VAL B 308 1.81 -26.35 6.25
C VAL B 308 2.88 -25.52 5.56
N CYS B 309 3.95 -26.16 5.07
CA CYS B 309 5.02 -25.42 4.40
C CYS B 309 4.95 -25.69 2.91
N GLU B 310 4.87 -24.62 2.12
CA GLU B 310 4.84 -24.75 0.67
C GLU B 310 6.04 -24.03 0.07
N GLU B 311 6.62 -24.62 -0.97
CA GLU B 311 7.76 -24.03 -1.65
C GLU B 311 7.33 -23.30 -2.91
N PHE B 312 7.98 -22.16 -3.16
CA PHE B 312 7.69 -21.31 -4.32
C PHE B 312 8.97 -20.87 -4.97
N LYS B 313 8.83 -20.25 -6.14
CA LYS B 313 9.95 -19.67 -6.85
C LYS B 313 9.70 -18.16 -6.71
N GLY B 314 10.60 -17.45 -6.03
CA GLY B 314 10.44 -16.02 -5.90
C GLY B 314 11.03 -15.31 -7.11
N VAL B 315 10.58 -14.09 -7.36
CA VAL B 315 11.08 -13.32 -8.49
C VAL B 315 11.25 -11.85 -8.11
N VAL B 316 12.02 -11.12 -8.91
CA VAL B 316 12.22 -9.70 -8.68
C VAL B 316 11.12 -9.03 -9.49
N LYS B 317 10.46 -8.04 -8.91
CA LYS B 317 9.37 -7.35 -9.58
C LYS B 317 9.72 -6.93 -11.00
N GLY B 318 8.87 -7.31 -11.94
CA GLY B 318 9.06 -6.94 -13.34
C GLY B 318 9.96 -7.86 -14.15
N GLN B 319 10.61 -8.80 -13.49
CA GLN B 319 11.54 -9.70 -14.17
C GLN B 319 11.04 -11.13 -14.34
N GLY B 320 9.83 -11.40 -13.89
CA GLY B 320 9.31 -12.74 -14.02
C GLY B 320 8.09 -12.96 -13.17
N SER B 321 7.56 -14.17 -13.20
CA SER B 321 6.39 -14.52 -12.42
C SER B 321 6.75 -15.63 -11.44
N THR B 322 6.09 -15.61 -10.30
CA THR B 322 6.33 -16.62 -9.28
C THR B 322 5.75 -17.96 -9.75
N GLU B 323 6.21 -19.04 -9.13
CA GLU B 323 5.73 -20.38 -9.44
C GLU B 323 5.48 -21.12 -8.14
N LYS B 324 4.57 -22.08 -8.19
CA LYS B 324 4.22 -22.87 -7.01
C LYS B 324 4.76 -24.29 -7.12
N TYR B 325 5.29 -24.80 -6.02
CA TYR B 325 5.81 -26.16 -5.99
C TYR B 325 5.03 -27.04 -5.02
N GLY B 326 4.13 -26.42 -4.26
CA GLY B 326 3.31 -27.18 -3.34
C GLY B 326 3.89 -27.50 -1.98
N GLU B 327 3.12 -28.23 -1.18
CA GLU B 327 3.53 -28.61 0.16
C GLU B 327 4.69 -29.59 0.22
N LYS B 328 5.59 -29.35 1.16
CA LYS B 328 6.76 -30.19 1.34
C LYS B 328 6.99 -30.47 2.83
N TRP B 329 7.58 -31.63 3.11
CA TRP B 329 7.91 -32.04 4.46
C TRP B 329 9.39 -32.37 4.57
N ASP B 330 10.03 -31.81 5.58
CA ASP B 330 11.45 -32.02 5.84
C ASP B 330 12.39 -31.98 4.65
N THR B 331 12.33 -30.85 3.94
CA THR B 331 13.20 -30.60 2.80
C THR B 331 14.16 -29.51 3.31
N THR B 332 15.14 -29.16 2.48
CA THR B 332 16.11 -28.14 2.81
C THR B 332 15.44 -26.83 3.18
N ASN B 333 14.38 -26.48 2.46
CA ASN B 333 13.71 -25.21 2.70
C ASN B 333 12.49 -25.28 3.60
N CYS B 334 11.93 -26.48 3.76
CA CYS B 334 10.79 -26.68 4.63
C CYS B 334 11.20 -27.63 5.74
N LYS B 335 11.77 -27.07 6.80
CA LYS B 335 12.20 -27.86 7.94
C LYS B 335 11.05 -28.06 8.91
N VAL B 336 10.13 -28.94 8.52
CA VAL B 336 8.99 -29.25 9.35
C VAL B 336 8.68 -30.73 9.16
N SER B 337 8.43 -31.42 10.26
CA SER B 337 8.11 -32.84 10.25
C SER B 337 6.62 -32.98 10.58
N ARG B 338 6.04 -34.12 10.24
CA ARG B 338 4.63 -34.35 10.53
C ARG B 338 4.39 -34.26 12.04
N SER B 339 5.40 -34.59 12.83
CA SER B 339 5.32 -34.55 14.29
C SER B 339 5.34 -33.11 14.84
N GLY B 340 5.64 -32.15 13.98
CA GLY B 340 5.68 -30.76 14.42
C GLY B 340 4.34 -30.05 14.31
N VAL B 341 3.34 -30.77 13.81
CA VAL B 341 2.00 -30.23 13.63
C VAL B 341 0.98 -31.20 14.20
N SER B 342 -0.04 -30.69 14.88
CA SER B 342 -1.06 -31.57 15.44
C SER B 342 -2.43 -30.95 15.46
N LYS B 343 -3.44 -31.81 15.65
CA LYS B 343 -4.81 -31.37 15.72
C LYS B 343 -5.00 -30.67 17.05
N LEU B 344 -5.61 -29.49 17.01
CA LEU B 344 -5.84 -28.72 18.23
C LEU B 344 -6.81 -29.47 19.14
CA CA C . 3.07 1.60 -9.59
ZN ZN D . 4.05 11.18 -2.75
ZN ZN E . 9.07 18.45 -1.54
ZN ZN F . 5.95 13.77 -1.79
C1 EDO G . 9.33 22.81 -26.96
O1 EDO G . 8.38 22.76 -25.76
C2 EDO G . 10.82 22.69 -26.59
O2 EDO G . 11.02 21.31 -25.91
C1 EDO H . 6.08 15.27 -44.51
O1 EDO H . 5.40 16.62 -44.81
C2 EDO H . 7.32 14.97 -45.38
O2 EDO H . 8.44 16.01 -45.02
C1 EDO I . -5.10 11.25 -42.97
O1 EDO I . -4.43 12.22 -43.94
C2 EDO I . -4.50 11.26 -41.55
O2 EDO I . -4.45 12.73 -41.06
CA CA J . -9.65 -8.48 7.52
ZN ZN K . 7.79 0.77 7.65
ZN ZN L . 1.42 -4.74 4.86
ZN ZN M . 3.78 -2.65 5.45
S SO4 N . 1.48 -14.96 -2.15
O1 SO4 N . 2.78 -14.20 -2.32
O2 SO4 N . 0.56 -14.35 -3.20
O3 SO4 N . 1.69 -16.34 -2.44
O4 SO4 N . 0.94 -14.70 -0.85
C1 EDO O . 7.12 -16.56 25.96
O1 EDO O . 7.17 -17.74 24.98
C2 EDO O . 8.42 -15.74 26.04
O2 EDO O . 9.60 -16.72 26.35
C1 EDO P . 4.42 -7.39 32.10
O1 EDO P . 4.74 -7.94 30.70
C2 EDO P . 4.09 -5.90 32.14
O2 EDO P . 2.94 -5.63 31.11
C1 EDO Q . 14.13 -19.73 48.18
O1 EDO Q . 14.23 -20.86 47.15
C2 EDO Q . 12.68 -19.34 48.51
O2 EDO Q . 11.98 -18.98 47.17
C1 EDO R . 13.88 -3.90 23.36
O1 EDO R . 13.37 -4.36 21.99
C2 EDO R . 14.75 -2.64 23.31
O2 EDO R . 15.83 -2.85 22.19
#